data_9BAO
#
_entry.id   9BAO
#
_cell.length_a   1.00
_cell.length_b   1.00
_cell.length_c   1.00
_cell.angle_alpha   90.00
_cell.angle_beta   90.00
_cell.angle_gamma   90.00
#
_symmetry.space_group_name_H-M   'P 1'
#
loop_
_entity.id
_entity.type
_entity.pdbx_description
1 polymer 'Muellerian-inhibiting factor'
2 polymer 'Muellerian-inhibiting factor'
3 polymer '6E11 Antibody IgG2A Heavy Chain'
4 polymer '6E11 Antibody kappa Light Chain'
#
loop_
_entity_poly.entity_id
_entity_poly.type
_entity_poly.pdbx_seq_one_letter_code
_entity_poly.pdbx_strand_id
1 'polypeptide(L)'
;LRAEEPAVGTSGLIFREDLDWPPGSPQEPLCLVALGGDSNGSSSPLRVVGALSAYEQAFLGAVQRARWGPRDLATFGVCN
TGDRQAALPSLRRLGAWLRDPGGQRLVVLHLEEVTWEPTPSLRFQEPPPGGAGPPELALLVLYPGPGPEVTVTRAGLPGA
QSLCPSRDTRYLVLAVDRPAGAWRGSGLALTLQPRGEDSRLSTARLQALLFGDDHRCFTRMTPALLLLPRSEPAPLPAHG
QLDTVPFPPPRPSAELEESPPSADPFLETLTRLVRALRVPPARASAPRLALDPDALAGFPQGLVNLSDPAALERLLDGEE
PLLLLLRPTAATTGDPAPLHDPTSAPWATALARRVAAELQAAAAELRSLPGLPPATAPLLARLLALCPGGPGGLGDPLRA
LLLLKALQGLRVEWRGRDPRGPGRARR
;
A,C
2 'polypeptide(L)'
;SAGATAADGPCALRELSVDLRAERSVLIPETYQANNCQGVCGWPQSDRNPRYGNHVVLLLKMQARGAALARPPCCVPTAY
AGKLLISLSEERISAHHVPNMVATECGCR
;
B,D
3 'polypeptide(L)'
;EVQLQQSGAELVKPGASVKLSCTASGFNIKDTYMHWVKQRPEQGLEWIGRIDPANGNTIYASKFQGKATITADTSSNTAY
MQLSSLTSGDTAVYYCALFITTATYAMDYWGQGTSVTVSSAKTTAPSVYPLAPVCGDTTGSSVTLGCLVKGYFPEPVTLT
WNSGSLSSGVHTFPAVLQSDLYTLSSSVTVTSSTWPSQSITCNVAHPASSTKVDKKIEPRGPTIKPC
;
E,G
4 'polypeptide(L)'
;SIVMTQTPKFLLVSAGDRVTITCKASQSVSNDVAWYQQKPGQSPKLLIYYASNRYTGVPDRFTGSGYGTDFTFTISTVQA
EDLAVYFCQQDYSSLTFGAGTKLELKRADAAPTVSIFPPSSEQLTSGGASVVCFLNNFYPKDINVKWKIDGSERQNGVLN
SWTDQDSKDSTYSMSSTLTLTKDEYERHNSYTCEATHKTSTSPIVKSFNRNEC
;
F,H
#
# COMPACT_ATOMS: atom_id res chain seq x y z
N PRO A 265 -60.87 -12.03 -21.32
CA PRO A 265 -61.60 -12.97 -22.17
C PRO A 265 -60.68 -13.75 -23.10
N PHE A 266 -59.82 -13.04 -23.84
CA PHE A 266 -58.84 -13.66 -24.72
C PHE A 266 -57.41 -13.31 -24.34
N LEU A 267 -57.13 -12.04 -24.09
CA LEU A 267 -55.77 -11.63 -23.75
C LEU A 267 -55.33 -12.23 -22.41
N GLU A 268 -56.25 -12.34 -21.45
CA GLU A 268 -55.90 -12.89 -20.15
C GLU A 268 -55.44 -14.33 -20.27
N THR A 269 -56.09 -15.10 -21.15
CA THR A 269 -55.64 -16.47 -21.40
C THR A 269 -54.23 -16.48 -21.99
N LEU A 270 -53.94 -15.54 -22.87
CA LEU A 270 -52.59 -15.43 -23.42
C LEU A 270 -51.57 -15.13 -22.31
N THR A 271 -51.91 -14.23 -21.40
CA THR A 271 -51.02 -13.93 -20.29
C THR A 271 -50.78 -15.16 -19.43
N ARG A 272 -51.85 -15.90 -19.13
CA ARG A 272 -51.71 -17.11 -18.32
C ARG A 272 -50.83 -18.14 -19.03
N LEU A 273 -51.03 -18.32 -20.34
CA LEU A 273 -50.20 -19.25 -21.08
C LEU A 273 -48.73 -18.83 -21.07
N VAL A 274 -48.47 -17.54 -21.27
CA VAL A 274 -47.10 -17.05 -21.27
C VAL A 274 -46.45 -17.29 -19.91
N ARG A 275 -47.17 -17.00 -18.83
CA ARG A 275 -46.64 -17.25 -17.49
C ARG A 275 -46.37 -18.73 -17.28
N ALA A 276 -47.28 -19.60 -17.74
CA ALA A 276 -47.11 -21.03 -17.54
C ALA A 276 -45.88 -21.55 -18.29
N LEU A 277 -45.66 -21.07 -19.52
CA LEU A 277 -44.57 -21.59 -20.32
C LEU A 277 -43.21 -21.22 -19.74
N ARG A 278 -43.11 -20.11 -19.01
CA ARG A 278 -41.85 -19.65 -18.44
C ARG A 278 -41.57 -20.45 -17.17
N VAL A 279 -41.04 -21.66 -17.36
CA VAL A 279 -40.72 -22.54 -16.25
C VAL A 279 -39.42 -22.07 -15.58
N PRO A 280 -39.23 -22.30 -14.29
CA PRO A 280 -38.01 -21.86 -13.64
C PRO A 280 -36.83 -22.74 -14.05
N PRO A 281 -35.61 -22.22 -13.99
CA PRO A 281 -34.43 -23.03 -14.32
C PRO A 281 -34.02 -23.93 -13.16
N ALA A 282 -33.14 -24.88 -13.47
CA ALA A 282 -32.65 -25.84 -12.50
C ALA A 282 -31.17 -25.68 -12.22
N ARG A 283 -30.53 -24.63 -12.73
CA ARG A 283 -29.11 -24.43 -12.50
C ARG A 283 -28.87 -24.02 -11.05
N ALA A 284 -27.66 -24.28 -10.57
CA ALA A 284 -27.31 -24.06 -9.17
C ALA A 284 -26.65 -22.72 -8.92
N SER A 285 -26.52 -21.87 -9.93
CA SER A 285 -25.87 -20.57 -9.78
C SER A 285 -26.69 -19.49 -10.47
N ALA A 286 -26.66 -18.29 -9.90
CA ALA A 286 -27.43 -17.19 -10.47
C ALA A 286 -26.87 -16.80 -11.83
N PRO A 287 -27.70 -16.68 -12.87
CA PRO A 287 -27.17 -16.34 -14.19
C PRO A 287 -26.87 -14.86 -14.37
N ARG A 288 -27.68 -13.99 -13.77
CA ARG A 288 -27.53 -12.55 -13.95
C ARG A 288 -28.47 -11.83 -12.98
N LEU A 289 -28.36 -10.50 -12.97
CA LEU A 289 -29.11 -9.67 -12.05
C LEU A 289 -30.50 -9.36 -12.61
N ALA A 290 -31.39 -8.92 -11.74
CA ALA A 290 -32.76 -8.54 -12.10
C ALA A 290 -32.98 -7.08 -11.72
N LEU A 291 -33.57 -6.33 -12.63
CA LEU A 291 -33.75 -4.89 -12.47
C LEU A 291 -35.12 -4.48 -13.00
N ASP A 292 -35.89 -3.76 -12.18
CA ASP A 292 -37.23 -3.38 -12.56
C ASP A 292 -37.20 -2.34 -13.69
N PRO A 293 -38.22 -2.26 -14.57
CA PRO A 293 -38.18 -1.35 -15.71
C PRO A 293 -38.74 0.04 -15.50
N ASP A 294 -38.08 0.89 -14.70
CA ASP A 294 -38.52 2.32 -14.55
C ASP A 294 -37.26 3.18 -14.56
N ALA A 295 -36.26 2.79 -15.35
CA ALA A 295 -34.96 3.49 -15.43
C ALA A 295 -34.89 4.38 -16.68
N LEU A 296 -35.18 3.83 -17.86
CA LEU A 296 -35.04 4.56 -19.15
C LEU A 296 -36.40 5.11 -19.59
N ALA A 297 -36.42 6.17 -20.39
CA ALA A 297 -37.68 6.85 -20.78
C ALA A 297 -37.79 6.95 -22.30
N GLY A 298 -38.99 6.92 -22.90
CA GLY A 298 -39.00 7.00 -24.35
C GLY A 298 -38.50 8.32 -24.87
N GLY A 395 -62.31 -3.80 -33.46
CA GLY A 395 -61.75 -3.27 -34.69
C GLY A 395 -60.69 -2.22 -34.47
N ASP A 396 -60.07 -2.26 -33.29
CA ASP A 396 -59.03 -1.29 -32.96
C ASP A 396 -57.75 -1.57 -33.73
N PRO A 397 -57.14 -0.56 -34.38
CA PRO A 397 -55.83 -0.78 -35.01
C PRO A 397 -54.72 -1.11 -34.01
N LEU A 398 -54.94 -0.84 -32.73
CA LEU A 398 -54.14 -1.39 -31.65
C LEU A 398 -54.94 -2.53 -31.04
N ARG A 399 -54.27 -3.63 -30.71
CA ARG A 399 -54.88 -4.95 -30.48
C ARG A 399 -55.07 -5.70 -31.80
N ALA A 400 -54.74 -5.06 -32.91
CA ALA A 400 -54.76 -5.70 -34.22
C ALA A 400 -53.37 -6.11 -34.68
N LEU A 401 -52.40 -5.21 -34.53
CA LEU A 401 -51.03 -5.45 -34.94
C LEU A 401 -50.12 -5.83 -33.79
N LEU A 402 -50.42 -5.32 -32.58
CA LEU A 402 -49.59 -5.61 -31.42
C LEU A 402 -49.58 -7.10 -31.13
N LEU A 403 -50.74 -7.75 -31.23
CA LEU A 403 -50.80 -9.19 -31.01
C LEU A 403 -49.93 -9.94 -32.01
N LEU A 404 -49.94 -9.50 -33.27
CA LEU A 404 -49.08 -10.14 -34.26
C LEU A 404 -47.61 -9.99 -33.90
N LYS A 405 -47.20 -8.79 -33.48
CA LYS A 405 -45.81 -8.60 -33.07
C LYS A 405 -45.47 -9.48 -31.87
N ALA A 406 -46.36 -9.56 -30.89
CA ALA A 406 -46.11 -10.36 -29.70
C ALA A 406 -45.96 -11.83 -30.05
N LEU A 407 -46.82 -12.33 -30.94
CA LEU A 407 -46.71 -13.72 -31.37
C LEU A 407 -45.41 -13.96 -32.14
N GLN A 408 -45.01 -13.01 -32.97
CA GLN A 408 -43.74 -13.13 -33.68
C GLN A 408 -42.58 -13.24 -32.70
N GLY A 409 -42.59 -12.42 -31.65
CA GLY A 409 -41.55 -12.50 -30.64
C GLY A 409 -41.58 -13.82 -29.88
N LEU A 410 -42.78 -14.26 -29.50
CA LEU A 410 -42.90 -15.52 -28.77
C LEU A 410 -42.42 -16.69 -29.61
N ARG A 411 -42.57 -16.61 -30.93
CA ARG A 411 -42.06 -17.67 -31.79
C ARG A 411 -40.57 -17.91 -31.52
N VAL A 412 -39.78 -16.84 -31.50
CA VAL A 412 -38.35 -16.97 -31.25
C VAL A 412 -38.10 -17.35 -29.80
N GLU A 413 -38.86 -16.76 -28.87
CA GLU A 413 -38.59 -16.98 -27.46
C GLU A 413 -38.78 -18.45 -27.08
N TRP A 414 -39.84 -19.09 -27.60
CA TRP A 414 -40.21 -20.42 -27.13
C TRP A 414 -39.20 -21.48 -27.55
N ARG A 415 -38.46 -21.25 -28.64
CA ARG A 415 -37.53 -22.28 -29.11
C ARG A 415 -36.43 -22.59 -28.11
N GLY A 416 -36.16 -21.69 -27.18
CA GLY A 416 -35.14 -21.91 -26.17
C GLY A 416 -35.55 -22.96 -25.14
N ASP B 8 -8.25 -11.62 -21.38
CA ASP B 8 -8.57 -10.20 -21.50
C ASP B 8 -8.42 -9.74 -22.94
N GLY B 9 -7.17 -9.64 -23.40
CA GLY B 9 -6.91 -9.26 -24.77
C GLY B 9 -7.14 -7.78 -25.01
N PRO B 10 -7.13 -7.36 -26.27
CA PRO B 10 -7.30 -5.94 -26.60
C PRO B 10 -8.76 -5.50 -26.58
N CYS B 11 -8.95 -4.19 -26.76
CA CYS B 11 -10.27 -3.57 -26.79
C CYS B 11 -11.20 -4.30 -27.75
N ALA B 12 -12.24 -4.91 -27.19
CA ALA B 12 -13.19 -5.70 -27.98
C ALA B 12 -14.49 -5.83 -27.20
N LEU B 13 -15.54 -6.25 -27.91
CA LEU B 13 -16.91 -6.27 -27.39
C LEU B 13 -17.21 -7.59 -26.67
N ARG B 14 -18.10 -7.51 -25.69
CA ARG B 14 -18.39 -8.65 -24.81
C ARG B 14 -19.80 -8.50 -24.27
N GLU B 15 -20.32 -9.60 -23.70
CA GLU B 15 -21.73 -9.69 -23.36
C GLU B 15 -22.03 -9.11 -21.98
N LEU B 16 -23.20 -8.49 -21.86
CA LEU B 16 -23.71 -7.99 -20.57
C LEU B 16 -25.22 -7.88 -20.70
N SER B 17 -25.95 -8.68 -19.93
CA SER B 17 -27.40 -8.74 -20.02
C SER B 17 -28.02 -8.72 -18.64
N VAL B 18 -29.29 -8.29 -18.59
CA VAL B 18 -30.06 -8.22 -17.35
C VAL B 18 -31.45 -8.80 -17.60
N ASP B 19 -32.24 -8.90 -16.54
CA ASP B 19 -33.62 -9.37 -16.61
C ASP B 19 -34.55 -8.26 -16.15
N LEU B 20 -35.65 -8.08 -16.87
CA LEU B 20 -36.65 -7.07 -16.54
C LEU B 20 -37.87 -7.75 -15.93
N ARG B 21 -38.27 -7.29 -14.75
CA ARG B 21 -39.37 -7.90 -14.00
C ARG B 21 -40.37 -6.82 -13.61
N ALA B 22 -41.65 -7.17 -13.69
CA ALA B 22 -42.74 -6.29 -13.27
C ALA B 22 -43.69 -7.09 -12.38
N GLU B 23 -44.28 -6.40 -11.40
CA GLU B 23 -45.16 -7.06 -10.45
C GLU B 23 -46.53 -7.35 -11.04
N ARG B 24 -46.98 -6.56 -12.02
CA ARG B 24 -48.33 -6.67 -12.54
C ARG B 24 -48.36 -7.14 -14.00
N SER B 25 -47.67 -6.44 -14.89
CA SER B 25 -47.70 -6.76 -16.31
C SER B 25 -46.57 -7.72 -16.66
N VAL B 26 -46.57 -8.18 -17.91
CA VAL B 26 -45.51 -9.06 -18.41
C VAL B 26 -44.81 -8.36 -19.57
N LEU B 27 -43.48 -8.36 -19.53
CA LEU B 27 -42.66 -7.65 -20.52
C LEU B 27 -42.11 -8.64 -21.55
N ILE B 28 -42.11 -8.22 -22.80
CA ILE B 28 -41.53 -9.00 -23.89
C ILE B 28 -40.60 -8.09 -24.70
N PRO B 29 -39.33 -8.47 -24.91
CA PRO B 29 -38.64 -9.68 -24.45
C PRO B 29 -38.20 -9.58 -22.99
N GLU B 30 -37.91 -10.69 -22.34
CA GLU B 30 -37.51 -10.66 -20.93
C GLU B 30 -36.06 -10.25 -20.77
N THR B 31 -35.14 -11.03 -21.35
CA THR B 31 -33.71 -10.77 -21.19
C THR B 31 -33.32 -9.55 -22.00
N TYR B 32 -32.89 -8.49 -21.32
CA TYR B 32 -32.47 -7.25 -21.96
C TYR B 32 -30.96 -7.32 -22.19
N GLN B 33 -30.55 -7.25 -23.46
CA GLN B 33 -29.16 -7.40 -23.85
C GLN B 33 -28.55 -6.05 -24.20
N ALA B 34 -27.43 -5.72 -23.55
CA ALA B 34 -26.73 -4.47 -23.81
C ALA B 34 -25.24 -4.73 -23.60
N ASN B 35 -24.53 -4.95 -24.70
CA ASN B 35 -23.14 -5.38 -24.65
C ASN B 35 -22.27 -4.27 -24.05
N ASN B 36 -20.98 -4.57 -23.91
CA ASN B 36 -20.00 -3.61 -23.43
C ASN B 36 -18.63 -4.15 -23.80
N CYS B 37 -17.68 -3.26 -24.09
CA CYS B 37 -16.35 -3.71 -24.47
C CYS B 37 -15.32 -3.38 -23.42
N GLN B 38 -14.20 -4.10 -23.50
CA GLN B 38 -13.13 -4.01 -22.53
C GLN B 38 -11.84 -4.42 -23.21
N GLY B 39 -10.73 -4.12 -22.56
CA GLY B 39 -9.42 -4.51 -23.02
C GLY B 39 -8.45 -3.38 -22.89
N VAL B 40 -7.29 -3.52 -23.53
CA VAL B 40 -6.25 -2.50 -23.52
C VAL B 40 -5.76 -2.32 -24.95
N CYS B 41 -5.75 -1.08 -25.42
CA CYS B 41 -5.25 -0.75 -26.75
C CYS B 41 -3.92 -0.04 -26.60
N GLY B 42 -2.90 -0.54 -27.28
CA GLY B 42 -1.55 -0.05 -27.12
C GLY B 42 -0.93 0.46 -28.40
N TRP B 43 0.39 0.61 -28.39
CA TRP B 43 1.12 1.18 -29.51
C TRP B 43 2.36 0.32 -29.79
N PRO B 44 2.50 -0.26 -30.99
CA PRO B 44 1.63 -0.16 -32.18
C PRO B 44 0.32 -0.94 -32.05
N GLN B 45 -0.64 -0.65 -32.92
CA GLN B 45 -1.96 -1.26 -32.82
C GLN B 45 -1.90 -2.75 -33.14
N SER B 46 -2.51 -3.56 -32.27
CA SER B 46 -2.77 -4.99 -32.53
C SER B 46 -4.23 -5.24 -32.18
N ASP B 47 -5.12 -4.94 -33.12
CA ASP B 47 -6.57 -5.03 -32.89
C ASP B 47 -7.21 -5.56 -34.16
N ARG B 48 -8.54 -5.48 -34.21
CA ARG B 48 -9.30 -5.82 -35.42
C ARG B 48 -10.29 -4.73 -35.81
N ASN B 49 -10.33 -3.61 -35.09
CA ASN B 49 -11.23 -2.50 -35.40
C ASN B 49 -10.54 -1.55 -36.37
N PRO B 50 -11.20 -0.49 -36.80
CA PRO B 50 -10.56 0.46 -37.73
C PRO B 50 -9.31 1.07 -37.12
N ARG B 51 -8.57 1.80 -37.95
CA ARG B 51 -7.33 2.42 -37.54
CA ARG B 51 -7.33 2.42 -37.53
C ARG B 51 -7.60 3.56 -36.56
N TYR B 52 -6.60 3.86 -35.73
CA TYR B 52 -6.71 4.96 -34.80
C TYR B 52 -6.85 6.29 -35.55
N GLY B 53 -7.24 7.33 -34.80
CA GLY B 53 -7.22 8.68 -35.32
C GLY B 53 -5.88 9.35 -35.08
N ASN B 54 -5.82 10.62 -35.47
CA ASN B 54 -4.59 11.39 -35.24
C ASN B 54 -4.46 11.81 -33.78
N HIS B 55 -5.57 12.14 -33.14
CA HIS B 55 -5.53 12.56 -31.74
C HIS B 55 -4.98 11.44 -30.86
N VAL B 56 -5.43 10.20 -31.07
CA VAL B 56 -5.01 9.10 -30.21
C VAL B 56 -3.54 8.79 -30.40
N VAL B 57 -3.05 8.80 -31.64
CA VAL B 57 -1.63 8.54 -31.87
C VAL B 57 -0.78 9.67 -31.29
N LEU B 58 -1.26 10.91 -31.37
CA LEU B 58 -0.55 12.01 -30.74
C LEU B 58 -0.43 11.77 -29.23
N LEU B 59 -1.54 11.39 -28.59
CA LEU B 59 -1.50 11.14 -27.15
C LEU B 59 -0.56 9.98 -26.82
N LEU B 60 -0.59 8.93 -27.63
CA LEU B 60 0.27 7.77 -27.36
C LEU B 60 1.74 8.14 -27.49
N LYS B 61 2.09 8.95 -28.50
CA LYS B 61 3.48 9.38 -28.62
C LYS B 61 3.89 10.29 -27.46
N MET B 62 2.99 11.18 -27.04
CA MET B 62 3.28 12.00 -25.86
C MET B 62 3.58 11.12 -24.66
N GLN B 63 2.78 10.07 -24.47
CA GLN B 63 3.02 9.14 -23.37
C GLN B 63 4.36 8.43 -23.52
N ALA B 64 4.69 8.02 -24.75
CA ALA B 64 5.93 7.25 -24.97
C ALA B 64 7.17 8.10 -24.75
N ARG B 65 7.12 9.39 -25.11
CA ARG B 65 8.30 10.23 -24.98
C ARG B 65 8.77 10.31 -23.54
N GLY B 66 7.86 10.26 -22.58
CA GLY B 66 8.22 10.33 -21.18
C GLY B 66 7.25 11.12 -20.33
N ALA B 67 6.30 11.80 -20.98
CA ALA B 67 5.33 12.61 -20.26
C ALA B 67 4.40 11.70 -19.44
N ALA B 68 3.49 12.34 -18.70
CA ALA B 68 2.54 11.63 -17.86
C ALA B 68 1.20 12.36 -17.95
N LEU B 69 0.31 11.85 -18.80
CA LEU B 69 -0.98 12.49 -19.01
C LEU B 69 -1.91 12.25 -17.82
N ALA B 70 -2.89 13.14 -17.67
CA ALA B 70 -3.88 13.04 -16.63
C ALA B 70 -5.15 12.33 -17.07
N ARG B 71 -5.21 11.87 -18.33
CA ARG B 71 -6.36 11.15 -18.85
C ARG B 71 -5.94 10.30 -20.04
N PRO B 72 -5.38 9.12 -19.80
CA PRO B 72 -4.90 8.29 -20.92
C PRO B 72 -6.04 7.74 -21.73
N PRO B 73 -5.77 7.25 -22.95
CA PRO B 73 -6.84 6.78 -23.82
C PRO B 73 -7.61 5.60 -23.23
N CYS B 74 -8.88 5.48 -23.63
CA CYS B 74 -9.77 4.45 -23.11
C CYS B 74 -10.59 3.84 -24.23
N CYS B 75 -10.92 2.55 -24.05
CA CYS B 75 -11.81 1.80 -24.94
C CYS B 75 -13.25 2.18 -24.68
N VAL B 76 -13.90 2.81 -25.66
CA VAL B 76 -15.28 3.26 -25.53
C VAL B 76 -16.06 2.97 -26.80
N PRO B 77 -17.38 2.89 -26.70
CA PRO B 77 -18.22 2.64 -27.88
C PRO B 77 -18.43 3.88 -28.74
N THR B 78 -18.82 3.62 -29.99
CA THR B 78 -19.03 4.66 -30.97
C THR B 78 -20.29 4.45 -31.81
N ALA B 79 -21.10 3.44 -31.51
CA ALA B 79 -22.32 3.20 -32.26
C ALA B 79 -23.35 2.58 -31.33
N TYR B 80 -24.63 2.71 -31.71
CA TYR B 80 -25.72 2.22 -30.89
C TYR B 80 -26.90 1.84 -31.79
N ALA B 81 -27.82 1.07 -31.22
CA ALA B 81 -29.04 0.66 -31.90
C ALA B 81 -30.21 0.72 -30.94
N GLY B 82 -31.40 0.89 -31.50
CA GLY B 82 -32.61 1.00 -30.71
C GLY B 82 -33.21 -0.35 -30.34
N LYS B 83 -34.29 -0.29 -29.56
CA LYS B 83 -34.98 -1.49 -29.13
C LYS B 83 -36.46 -1.20 -28.94
N LEU B 84 -37.26 -2.26 -28.93
CA LEU B 84 -38.70 -2.18 -28.76
C LEU B 84 -39.14 -3.14 -27.66
N LEU B 85 -40.03 -2.66 -26.79
CA LEU B 85 -40.54 -3.45 -25.68
C LEU B 85 -42.07 -3.47 -25.74
N ILE B 86 -42.65 -4.59 -25.27
CA ILE B 86 -44.10 -4.77 -25.24
C ILE B 86 -44.49 -5.10 -23.81
N SER B 87 -45.52 -4.42 -23.31
CA SER B 87 -46.06 -4.66 -21.98
C SER B 87 -47.47 -5.21 -22.14
N LEU B 88 -47.73 -6.37 -21.52
CA LEU B 88 -49.00 -7.06 -21.61
C LEU B 88 -49.71 -6.99 -20.27
N SER B 89 -50.97 -6.55 -20.27
CA SER B 89 -51.79 -6.57 -19.08
C SER B 89 -53.26 -6.51 -19.50
N GLU B 90 -54.13 -6.96 -18.60
CA GLU B 90 -55.54 -7.00 -18.93
C GLU B 90 -56.06 -5.60 -19.19
N GLU B 91 -56.86 -5.47 -20.25
CA GLU B 91 -57.45 -4.21 -20.71
C GLU B 91 -56.41 -3.31 -21.38
N ARG B 92 -55.14 -3.73 -21.48
CA ARG B 92 -54.18 -2.89 -22.17
C ARG B 92 -52.91 -3.66 -22.57
N ILE B 93 -52.57 -3.56 -23.84
CA ILE B 93 -51.31 -4.06 -24.37
C ILE B 93 -50.61 -2.86 -25.01
N SER B 94 -49.40 -2.56 -24.54
CA SER B 94 -48.69 -1.35 -24.91
C SER B 94 -47.35 -1.72 -25.54
N ALA B 95 -46.83 -0.81 -26.36
CA ALA B 95 -45.52 -0.97 -26.95
C ALA B 95 -44.76 0.34 -26.89
N HIS B 96 -43.47 0.27 -26.64
CA HIS B 96 -42.59 1.43 -26.59
C HIS B 96 -41.34 1.15 -27.39
N HIS B 97 -40.77 2.21 -27.95
CA HIS B 97 -39.52 2.12 -28.70
C HIS B 97 -38.53 3.13 -28.11
N VAL B 98 -37.32 2.67 -27.83
CA VAL B 98 -36.31 3.51 -27.19
C VAL B 98 -35.02 3.42 -28.01
N PRO B 99 -34.43 4.55 -28.43
CA PRO B 99 -33.21 4.49 -29.22
C PRO B 99 -31.95 4.53 -28.36
N ASN B 100 -30.84 4.16 -29.00
CA ASN B 100 -29.52 4.22 -28.38
C ASN B 100 -29.46 3.38 -27.11
N MET B 101 -29.65 2.08 -27.28
CA MET B 101 -29.65 1.14 -26.16
C MET B 101 -28.57 0.09 -26.23
N VAL B 102 -28.30 -0.48 -27.41
CA VAL B 102 -27.39 -1.61 -27.57
C VAL B 102 -26.13 -1.12 -28.26
N ALA B 103 -24.98 -1.40 -27.66
CA ALA B 103 -23.70 -1.11 -28.30
C ALA B 103 -23.38 -2.18 -29.33
N THR B 104 -22.81 -1.75 -30.47
CA THR B 104 -22.53 -2.66 -31.56
C THR B 104 -21.16 -2.46 -32.20
N GLU B 105 -20.35 -1.52 -31.72
CA GLU B 105 -19.02 -1.28 -32.24
C GLU B 105 -18.30 -0.35 -31.27
N CYS B 106 -16.98 -0.51 -31.16
CA CYS B 106 -16.27 0.34 -30.24
C CYS B 106 -14.77 0.31 -30.50
N GLY B 107 -14.11 1.39 -30.10
CA GLY B 107 -12.68 1.56 -30.31
C GLY B 107 -12.17 2.68 -29.43
N CYS B 108 -10.90 2.63 -29.02
CA CYS B 108 -10.44 3.51 -27.96
C CYS B 108 -10.16 4.92 -28.48
N ARG B 109 -10.57 5.90 -27.68
CA ARG B 109 -10.36 7.31 -27.98
C ARG B 109 -9.61 7.98 -26.83
N PRO C 265 16.11 33.82 -53.77
CA PRO C 265 15.99 35.16 -54.32
C PRO C 265 14.95 36.02 -53.60
N PHE C 266 13.74 35.49 -53.47
CA PHE C 266 12.66 36.17 -52.75
C PHE C 266 12.17 35.36 -51.55
N LEU C 267 11.93 34.06 -51.74
CA LEU C 267 11.42 33.24 -50.64
C LEU C 267 12.45 33.10 -49.53
N GLU C 268 13.74 33.04 -49.89
CA GLU C 268 14.77 32.91 -48.86
C GLU C 268 14.79 34.12 -47.94
N THR C 269 14.59 35.32 -48.50
CA THR C 269 14.50 36.52 -47.68
C THR C 269 13.31 36.44 -46.73
N LEU C 270 12.18 35.90 -47.21
CA LEU C 270 11.02 35.72 -46.34
C LEU C 270 11.34 34.76 -45.20
N THR C 271 12.04 33.66 -45.51
CA THR C 271 12.44 32.72 -44.45
C THR C 271 13.34 33.41 -43.44
N ARG C 272 14.30 34.20 -43.90
CA ARG C 272 15.20 34.89 -42.97
C ARG C 272 14.42 35.87 -42.10
N LEU C 273 13.49 36.61 -42.70
CA LEU C 273 12.67 37.54 -41.92
C LEU C 273 11.84 36.81 -40.88
N VAL C 274 11.23 35.70 -41.26
CA VAL C 274 10.41 34.94 -40.31
C VAL C 274 11.27 34.44 -39.15
N ARG C 275 12.45 33.91 -39.46
CA ARG C 275 13.35 33.46 -38.40
C ARG C 275 13.76 34.61 -37.49
N ALA C 276 14.06 35.77 -38.08
CA ALA C 276 14.48 36.92 -37.28
C ALA C 276 13.37 37.38 -36.34
N LEU C 277 12.13 37.41 -36.82
CA LEU C 277 11.03 37.92 -36.01
C LEU C 277 10.75 37.04 -34.80
N ARG C 278 11.00 35.73 -34.90
CA ARG C 278 10.72 34.79 -33.82
C ARG C 278 11.82 34.90 -32.78
N VAL C 279 11.70 35.92 -31.94
CA VAL C 279 12.67 36.17 -30.87
C VAL C 279 12.43 35.18 -29.74
N PRO C 280 13.46 34.81 -28.98
CA PRO C 280 13.26 33.86 -27.89
C PRO C 280 12.55 34.53 -26.72
N PRO C 281 11.85 33.78 -25.89
CA PRO C 281 11.18 34.36 -24.73
C PRO C 281 12.15 34.59 -23.58
N ALA C 282 11.67 35.33 -22.57
CA ALA C 282 12.46 35.67 -21.40
C ALA C 282 11.90 35.05 -20.12
N ARG C 283 10.88 34.21 -20.22
CA ARG C 283 10.32 33.58 -19.04
C ARG C 283 11.30 32.58 -18.44
N ALA C 284 11.16 32.32 -17.14
CA ALA C 284 12.08 31.48 -16.41
C ALA C 284 11.64 30.02 -16.31
N SER C 285 10.52 29.65 -16.93
CA SER C 285 10.01 28.30 -16.87
C SER C 285 9.60 27.83 -18.26
N ALA C 286 9.76 26.54 -18.50
CA ALA C 286 9.42 25.97 -19.81
C ALA C 286 7.91 26.04 -20.03
N PRO C 287 7.45 26.57 -21.17
CA PRO C 287 6.01 26.66 -21.39
C PRO C 287 5.37 25.36 -21.82
N ARG C 288 6.07 24.55 -22.60
CA ARG C 288 5.49 23.32 -23.13
C ARG C 288 6.59 22.52 -23.83
N LEU C 289 6.22 21.30 -24.25
CA LEU C 289 7.15 20.38 -24.86
C LEU C 289 7.32 20.68 -26.36
N ALA C 290 8.38 20.14 -26.93
CA ALA C 290 8.69 20.28 -28.35
C ALA C 290 8.75 18.90 -28.99
N LEU C 291 8.09 18.74 -30.12
CA LEU C 291 7.96 17.45 -30.78
C LEU C 291 8.12 17.63 -32.29
N ASP C 292 9.00 16.84 -32.89
CA ASP C 292 9.25 16.97 -34.31
C ASP C 292 8.07 16.46 -35.13
N PRO C 293 7.78 17.09 -36.29
CA PRO C 293 6.64 16.67 -37.14
C PRO C 293 7.01 15.51 -38.07
N ASP C 294 6.73 14.28 -37.59
CA ASP C 294 7.18 13.06 -38.32
C ASP C 294 6.15 11.95 -38.56
N ALA C 295 5.09 11.76 -37.76
CA ALA C 295 4.19 10.57 -37.92
C ALA C 295 2.67 10.80 -37.84
N LEU C 296 2.13 11.95 -38.24
CA LEU C 296 0.66 12.16 -38.36
C LEU C 296 0.47 12.30 -39.87
N ALA C 297 0.31 11.20 -40.61
CA ALA C 297 0.34 11.27 -42.06
C ALA C 297 -0.99 11.82 -42.58
N GLY C 298 -0.92 12.43 -43.77
CA GLY C 298 -2.10 13.02 -44.38
C GLY C 298 -3.12 11.96 -44.76
N GLY C 395 4.77 31.87 -63.04
CA GLY C 395 3.34 31.78 -63.26
C GLY C 395 2.74 30.49 -62.73
N ASP C 396 3.39 29.91 -61.72
CA ASP C 396 2.92 28.67 -61.14
C ASP C 396 1.71 28.92 -60.24
N PRO C 397 0.62 28.17 -60.37
CA PRO C 397 -0.50 28.29 -59.42
C PRO C 397 -0.14 27.91 -57.99
N LEU C 398 0.96 27.19 -57.80
CA LEU C 398 1.60 27.03 -56.50
C LEU C 398 2.80 27.98 -56.50
N ARG C 399 3.03 28.65 -55.36
CA ARG C 399 3.85 29.86 -55.25
C ARG C 399 3.02 31.11 -55.57
N ALA C 400 1.78 30.91 -56.00
CA ALA C 400 0.86 32.02 -56.20
C ALA C 400 -0.08 32.19 -55.01
N LEU C 401 -0.83 31.13 -54.69
CA LEU C 401 -1.86 31.20 -53.66
C LEU C 401 -1.31 30.83 -52.29
N LEU C 402 -0.28 29.98 -52.27
CA LEU C 402 0.30 29.53 -51.02
C LEU C 402 0.90 30.71 -50.26
N LEU C 403 1.57 31.62 -50.97
CA LEU C 403 2.16 32.78 -50.32
C LEU C 403 1.09 33.70 -49.75
N LEU C 404 -0.05 33.80 -50.44
CA LEU C 404 -1.17 34.56 -49.88
C LEU C 404 -1.61 33.95 -48.56
N LYS C 405 -1.72 32.61 -48.52
CA LYS C 405 -2.12 31.96 -47.27
C LYS C 405 -1.08 32.19 -46.18
N ALA C 406 0.20 32.08 -46.53
CA ALA C 406 1.26 32.23 -45.55
C ALA C 406 1.27 33.63 -44.96
N LEU C 407 1.09 34.66 -45.80
CA LEU C 407 1.03 36.02 -45.29
C LEU C 407 -0.21 36.23 -44.42
N GLN C 408 -1.34 35.63 -44.81
CA GLN C 408 -2.54 35.73 -43.98
C GLN C 408 -2.27 35.15 -42.59
N GLY C 409 -1.60 34.00 -42.52
CA GLY C 409 -1.27 33.42 -41.23
C GLY C 409 -0.29 34.27 -40.43
N LEU C 410 0.75 34.79 -41.09
CA LEU C 410 1.72 35.63 -40.41
C LEU C 410 1.06 36.88 -39.84
N ARG C 411 0.03 37.40 -40.51
CA ARG C 411 -0.68 38.56 -39.98
C ARG C 411 -1.14 38.30 -38.54
N VAL C 412 -1.81 37.17 -38.33
CA VAL C 412 -2.29 36.85 -36.98
C VAL C 412 -1.13 36.52 -36.07
N GLU C 413 -0.13 35.79 -36.56
CA GLU C 413 0.95 35.36 -35.69
C GLU C 413 1.71 36.55 -35.11
N TRP C 414 1.99 37.56 -35.93
CA TRP C 414 2.88 38.64 -35.51
C TRP C 414 2.28 39.51 -34.41
N ARG C 415 0.95 39.56 -34.28
CA ARG C 415 0.34 40.43 -33.28
C ARG C 415 0.72 40.05 -31.86
N GLY C 416 1.11 38.80 -31.63
CA GLY C 416 1.50 38.36 -30.30
C GLY C 416 2.82 38.95 -29.84
N ASP D 8 -10.67 20.85 -10.38
CA ASP D 8 -10.96 19.73 -11.27
C ASP D 8 -12.32 19.91 -11.93
N GLY D 9 -13.39 19.74 -11.15
CA GLY D 9 -14.73 19.91 -11.64
C GLY D 9 -15.19 18.74 -12.49
N PRO D 10 -16.33 18.90 -13.14
CA PRO D 10 -16.90 17.80 -13.94
C PRO D 10 -16.25 17.71 -15.32
N CYS D 11 -16.71 16.71 -16.08
CA CYS D 11 -16.18 16.46 -17.43
C CYS D 11 -16.31 17.72 -18.29
N ALA D 12 -15.20 18.11 -18.90
CA ALA D 12 -15.16 19.35 -19.69
C ALA D 12 -13.91 19.32 -20.57
N LEU D 13 -13.66 20.45 -21.25
CA LEU D 13 -12.57 20.58 -22.21
C LEU D 13 -11.49 21.50 -21.64
N ARG D 14 -10.23 21.19 -21.93
CA ARG D 14 -9.11 21.93 -21.37
C ARG D 14 -7.96 21.97 -22.36
N GLU D 15 -7.01 22.87 -22.11
CA GLU D 15 -5.98 23.20 -23.09
C GLU D 15 -4.82 22.21 -23.04
N LEU D 16 -4.25 21.93 -24.21
CA LEU D 16 -3.06 21.10 -24.33
C LEU D 16 -2.42 21.38 -25.68
N SER D 17 -1.20 21.93 -25.68
CA SER D 17 -0.55 22.37 -26.91
C SER D 17 0.91 21.95 -26.90
N VAL D 18 1.49 21.86 -28.10
CA VAL D 18 2.89 21.50 -28.29
C VAL D 18 3.51 22.44 -29.31
N ASP D 19 4.82 22.29 -29.50
CA ASP D 19 5.58 23.08 -30.46
C ASP D 19 6.18 22.15 -31.51
N LEU D 20 6.04 22.51 -32.78
CA LEU D 20 6.57 21.73 -33.89
C LEU D 20 7.86 22.37 -34.38
N ARG D 21 8.94 21.59 -34.43
CA ARG D 21 10.24 22.07 -34.82
C ARG D 21 10.81 21.21 -35.93
N ALA D 22 11.50 21.85 -36.87
CA ALA D 22 12.17 21.17 -37.96
C ALA D 22 13.59 21.70 -38.09
N GLU D 23 14.51 20.82 -38.49
CA GLU D 23 15.91 21.20 -38.59
C GLU D 23 16.24 21.96 -39.87
N ARG D 24 15.42 21.81 -40.92
CA ARG D 24 15.68 22.45 -42.20
C ARG D 24 14.64 23.50 -42.56
N SER D 25 13.36 23.11 -42.61
CA SER D 25 12.30 24.00 -43.06
C SER D 25 11.70 24.74 -41.87
N VAL D 26 10.75 25.66 -42.16
CA VAL D 26 10.02 26.36 -41.12
C VAL D 26 8.53 26.05 -41.29
N LEU D 27 7.87 25.72 -40.19
CA LEU D 27 6.48 25.32 -40.19
C LEU D 27 5.59 26.46 -39.73
N ILE D 28 4.44 26.60 -40.38
CA ILE D 28 3.43 27.60 -40.00
C ILE D 28 2.07 26.90 -39.91
N PRO D 29 1.35 27.02 -38.79
CA PRO D 29 1.69 27.72 -37.54
C PRO D 29 2.65 26.93 -36.67
N GLU D 30 3.32 27.57 -35.72
CA GLU D 30 4.28 26.88 -34.87
C GLU D 30 3.56 26.10 -33.76
N THR D 31 2.81 26.80 -32.92
CA THR D 31 2.15 26.16 -31.78
C THR D 31 0.98 25.32 -32.26
N TYR D 32 1.08 24.00 -32.06
CA TYR D 32 0.03 23.08 -32.46
C TYR D 32 -0.90 22.86 -31.27
N GLN D 33 -2.17 23.20 -31.46
CA GLN D 33 -3.16 23.19 -30.39
C GLN D 33 -4.08 21.99 -30.55
N ALA D 34 -4.21 21.20 -29.48
CA ALA D 34 -5.10 20.03 -29.49
C ALA D 34 -5.60 19.84 -28.06
N ASN D 35 -6.81 20.31 -27.80
CA ASN D 35 -7.38 20.28 -26.45
C ASN D 35 -7.56 18.84 -25.98
N ASN D 36 -8.02 18.66 -24.74
CA ASN D 36 -8.25 17.33 -24.20
C ASN D 36 -9.44 17.39 -23.25
N CYS D 37 -10.15 16.28 -23.14
CA CYS D 37 -11.31 16.18 -22.25
C CYS D 37 -10.87 15.61 -20.90
N GLN D 38 -11.40 16.20 -19.82
CA GLN D 38 -10.96 15.85 -18.49
C GLN D 38 -12.03 16.23 -17.48
N GLY D 39 -12.18 15.42 -16.44
CA GLY D 39 -13.13 15.66 -15.38
C GLY D 39 -13.75 14.37 -14.91
N VAL D 40 -14.83 14.50 -14.14
CA VAL D 40 -15.57 13.37 -13.61
C VAL D 40 -17.06 13.64 -13.79
N CYS D 41 -17.78 12.66 -14.33
CA CYS D 41 -19.23 12.77 -14.51
C CYS D 41 -19.92 11.77 -13.61
N GLY D 42 -20.91 12.23 -12.86
CA GLY D 42 -21.58 11.40 -11.87
C GLY D 42 -23.09 11.32 -12.05
N TRP D 43 -23.77 10.87 -11.00
CA TRP D 43 -25.22 10.64 -11.04
C TRP D 43 -25.85 11.20 -9.77
N PRO D 44 -26.80 12.15 -9.86
CA PRO D 44 -27.39 12.75 -11.08
C PRO D 44 -26.44 13.70 -11.80
N GLN D 45 -26.75 14.05 -13.04
CA GLN D 45 -25.85 14.86 -13.85
C GLN D 45 -25.79 16.29 -13.32
N SER D 46 -24.57 16.81 -13.14
CA SER D 46 -24.32 18.23 -12.89
C SER D 46 -23.22 18.66 -13.85
N ASP D 47 -23.61 18.99 -15.08
CA ASP D 47 -22.67 19.33 -16.15
C ASP D 47 -23.27 20.47 -16.96
N ARG D 48 -22.65 20.74 -18.12
CA ARG D 48 -23.18 21.71 -19.08
C ARG D 48 -23.28 21.14 -20.48
N ASN D 49 -22.94 19.88 -20.69
CA ASN D 49 -23.00 19.25 -22.00
C ASN D 49 -24.38 18.63 -22.20
N PRO D 50 -24.66 18.04 -23.36
CA PRO D 50 -25.99 17.43 -23.57
C PRO D 50 -26.26 16.33 -22.57
N ARG D 51 -27.51 15.88 -22.55
CA ARG D 51 -27.94 14.85 -21.62
CA ARG D 51 -27.94 14.85 -21.62
C ARG D 51 -27.28 13.52 -21.95
N TYR D 52 -27.14 12.67 -20.93
CA TYR D 52 -26.58 11.34 -21.11
C TYR D 52 -27.44 10.53 -22.07
N GLY D 53 -26.89 9.39 -22.50
CA GLY D 53 -27.65 8.40 -23.23
C GLY D 53 -28.29 7.39 -22.30
N ASN D 54 -28.95 6.41 -22.92
CA ASN D 54 -29.58 5.34 -22.13
C ASN D 54 -28.54 4.35 -21.63
N HIS D 55 -27.51 4.07 -22.43
CA HIS D 55 -26.47 3.13 -22.01
C HIS D 55 -25.76 3.62 -20.76
N VAL D 56 -25.41 4.91 -20.71
CA VAL D 56 -24.64 5.43 -19.59
C VAL D 56 -25.47 5.42 -18.32
N VAL D 57 -26.75 5.80 -18.41
CA VAL D 57 -27.60 5.78 -17.22
C VAL D 57 -27.83 4.35 -16.75
N LEU D 58 -27.94 3.40 -17.69
CA LEU D 58 -28.05 2.00 -17.29
C LEU D 58 -26.81 1.57 -16.51
N LEU D 59 -25.62 1.92 -17.02
CA LEU D 59 -24.40 1.54 -16.32
C LEU D 59 -24.31 2.20 -14.94
N LEU D 60 -24.72 3.47 -14.85
CA LEU D 60 -24.65 4.17 -13.57
C LEU D 60 -25.61 3.55 -12.56
N LYS D 61 -26.82 3.18 -12.99
CA LYS D 61 -27.74 2.51 -12.08
C LYS D 61 -27.22 1.15 -11.65
N MET D 62 -26.62 0.39 -12.58
CA MET D 62 -26.00 -0.87 -12.22
C MET D 62 -24.95 -0.66 -11.14
N GLN D 63 -24.12 0.38 -11.29
CA GLN D 63 -23.11 0.68 -10.29
C GLN D 63 -23.75 1.05 -8.96
N ALA D 64 -24.83 1.83 -9.00
CA ALA D 64 -25.46 2.29 -7.76
C ALA D 64 -26.10 1.14 -6.99
N ARG D 65 -26.71 0.18 -7.70
CA ARG D 65 -27.40 -0.91 -7.02
C ARG D 65 -26.46 -1.68 -6.10
N GLY D 66 -25.18 -1.78 -6.44
CA GLY D 66 -24.22 -2.50 -5.63
C GLY D 66 -23.21 -3.29 -6.44
N ALA D 67 -23.42 -3.36 -7.75
CA ALA D 67 -22.52 -4.12 -8.61
C ALA D 67 -21.15 -3.46 -8.67
N ALA D 68 -20.24 -4.09 -9.40
CA ALA D 68 -18.86 -3.59 -9.55
C ALA D 68 -18.44 -3.88 -10.99
N LEU D 69 -18.58 -2.89 -11.86
CA LEU D 69 -18.25 -3.06 -13.27
C LEU D 69 -16.74 -3.12 -13.46
N ALA D 70 -16.34 -3.74 -14.58
CA ALA D 70 -14.94 -3.84 -14.95
C ALA D 70 -14.50 -2.72 -15.89
N ARG D 71 -15.38 -1.80 -16.24
CA ARG D 71 -15.05 -0.68 -17.11
C ARG D 71 -16.04 0.46 -16.87
N PRO D 72 -15.85 1.26 -15.82
CA PRO D 72 -16.82 2.31 -15.51
C PRO D 72 -16.78 3.42 -16.55
N PRO D 73 -17.82 4.25 -16.61
CA PRO D 73 -17.88 5.29 -17.65
C PRO D 73 -16.73 6.27 -17.56
N CYS D 74 -16.36 6.84 -18.71
CA CYS D 74 -15.22 7.74 -18.82
C CYS D 74 -15.57 8.96 -19.67
N CYS D 75 -14.97 10.10 -19.31
CA CYS D 75 -15.06 11.34 -20.08
C CYS D 75 -14.18 11.26 -21.31
N VAL D 76 -14.79 11.33 -22.48
CA VAL D 76 -14.07 11.30 -23.75
C VAL D 76 -14.67 12.33 -24.70
N PRO D 77 -13.90 12.76 -25.70
CA PRO D 77 -14.44 13.67 -26.71
C PRO D 77 -15.31 12.95 -27.72
N THR D 78 -16.11 13.75 -28.46
CA THR D 78 -17.03 13.20 -29.43
C THR D 78 -17.06 13.98 -30.74
N ALA D 79 -16.14 14.92 -30.95
CA ALA D 79 -16.11 15.68 -32.20
C ALA D 79 -14.67 16.08 -32.49
N TYR D 80 -14.40 16.38 -33.75
CA TYR D 80 -13.04 16.73 -34.16
C TYR D 80 -13.11 17.71 -35.34
N ALA D 81 -11.98 18.38 -35.58
CA ALA D 81 -11.86 19.31 -36.69
C ALA D 81 -10.47 19.15 -37.32
N GLY D 82 -10.37 19.52 -38.59
CA GLY D 82 -9.13 19.38 -39.33
C GLY D 82 -8.20 20.58 -39.13
N LYS D 83 -7.03 20.47 -39.74
CA LYS D 83 -6.02 21.52 -39.65
C LYS D 83 -5.19 21.55 -40.91
N LEU D 84 -4.51 22.68 -41.13
CA LEU D 84 -3.66 22.88 -42.30
C LEU D 84 -2.29 23.37 -41.84
N LEU D 85 -1.24 22.81 -42.44
CA LEU D 85 0.14 23.15 -42.13
C LEU D 85 0.87 23.58 -43.40
N ILE D 86 1.81 24.52 -43.24
CA ILE D 86 2.59 25.03 -44.35
C ILE D 86 4.07 24.84 -44.00
N SER D 87 4.84 24.29 -44.94
CA SER D 87 6.27 24.10 -44.78
C SER D 87 7.01 24.98 -45.78
N LEU D 88 7.96 25.76 -45.29
CA LEU D 88 8.70 26.72 -46.08
C LEU D 88 10.16 26.30 -46.16
N SER D 89 10.70 26.21 -47.38
CA SER D 89 12.11 25.96 -47.57
C SER D 89 12.48 26.43 -48.98
N GLU D 90 13.78 26.65 -49.17
CA GLU D 90 14.24 27.18 -50.45
C GLU D 90 13.91 26.20 -51.56
N GLU D 91 13.38 26.73 -52.66
CA GLU D 91 12.97 25.98 -53.84
C GLU D 91 11.70 25.17 -53.60
N ARG D 92 11.07 25.28 -52.43
CA ARG D 92 9.83 24.55 -52.21
C ARG D 92 9.02 25.09 -51.04
N ILE D 93 7.77 25.43 -51.30
CA ILE D 93 6.78 25.76 -50.29
C ILE D 93 5.64 24.77 -50.45
N SER D 94 5.33 24.05 -49.37
CA SER D 94 4.36 22.97 -49.41
C SER D 94 3.24 23.23 -48.42
N ALA D 95 2.08 22.65 -48.68
CA ALA D 95 0.95 22.73 -47.78
C ALA D 95 0.29 21.37 -47.66
N HIS D 96 -0.13 21.04 -46.44
CA HIS D 96 -0.82 19.77 -46.17
C HIS D 96 -2.05 20.05 -45.32
N HIS D 97 -3.06 19.19 -45.48
CA HIS D 97 -4.28 19.26 -44.70
C HIS D 97 -4.52 17.90 -44.07
N VAL D 98 -4.79 17.89 -42.77
CA VAL D 98 -4.99 16.64 -42.03
C VAL D 98 -6.29 16.74 -41.25
N PRO D 99 -7.20 15.77 -41.38
CA PRO D 99 -8.46 15.84 -40.65
C PRO D 99 -8.40 15.15 -39.30
N ASN D 100 -9.39 15.46 -38.46
CA ASN D 100 -9.55 14.84 -37.15
C ASN D 100 -8.31 15.05 -36.28
N MET D 101 -8.05 16.31 -35.97
CA MET D 101 -6.89 16.70 -35.17
C MET D 101 -7.25 17.38 -33.87
N VAL D 102 -8.21 18.29 -33.87
CA VAL D 102 -8.53 19.14 -32.72
C VAL D 102 -9.84 18.67 -32.12
N ALA D 103 -9.82 18.32 -30.84
CA ALA D 103 -11.06 17.99 -30.13
C ALA D 103 -11.84 19.27 -29.84
N THR D 104 -13.17 19.17 -29.89
CA THR D 104 -14.01 20.34 -29.70
C THR D 104 -15.25 20.09 -28.85
N GLU D 105 -15.42 18.89 -28.28
CA GLU D 105 -16.55 18.63 -27.40
C GLU D 105 -16.19 17.46 -26.49
N CYS D 106 -16.91 17.37 -25.37
CA CYS D 106 -16.69 16.30 -24.41
C CYS D 106 -18.02 15.74 -23.95
N GLY D 107 -18.02 14.46 -23.59
CA GLY D 107 -19.18 13.81 -23.02
C GLY D 107 -18.84 12.38 -22.66
N CYS D 108 -19.19 11.94 -21.45
CA CYS D 108 -18.70 10.66 -20.98
C CYS D 108 -19.57 9.52 -21.47
N ARG D 109 -18.92 8.43 -21.88
CA ARG D 109 -19.57 7.24 -22.40
C ARG D 109 -19.13 6.01 -21.63
N GLU E 1 -25.53 0.69 -0.15
CA GLU E 1 -24.74 -0.35 0.51
C GLU E 1 -25.58 -1.59 0.74
N VAL E 2 -24.93 -2.66 1.18
CA VAL E 2 -25.61 -3.92 1.51
C VAL E 2 -24.97 -4.50 2.76
N GLN E 3 -25.81 -5.03 3.66
CA GLN E 3 -25.34 -5.61 4.90
C GLN E 3 -26.15 -6.84 5.23
N LEU E 4 -25.47 -7.89 5.68
CA LEU E 4 -26.09 -9.13 6.10
C LEU E 4 -25.90 -9.30 7.60
N GLN E 5 -27.00 -9.55 8.31
CA GLN E 5 -26.97 -9.70 9.77
C GLN E 5 -27.52 -11.06 10.14
N GLN E 6 -26.92 -11.68 11.16
CA GLN E 6 -27.25 -13.03 11.57
C GLN E 6 -27.54 -13.09 13.06
N SER E 7 -27.90 -14.28 13.53
CA SER E 7 -28.23 -14.51 14.93
C SER E 7 -26.95 -14.73 15.74
N GLY E 8 -27.09 -15.20 16.98
CA GLY E 8 -25.97 -15.47 17.84
C GLY E 8 -25.66 -16.96 17.96
N ALA E 9 -24.58 -17.25 18.68
CA ALA E 9 -24.14 -18.63 18.86
C ALA E 9 -25.18 -19.43 19.61
N GLU E 10 -25.21 -20.74 19.33
CA GLU E 10 -26.21 -21.62 19.94
C GLU E 10 -25.57 -22.93 20.39
N LEU E 11 -26.04 -23.43 21.53
CA LEU E 11 -25.68 -24.73 22.05
C LEU E 11 -26.95 -25.58 22.13
N VAL E 12 -26.87 -26.81 21.62
CA VAL E 12 -28.05 -27.66 21.48
C VAL E 12 -27.75 -29.05 21.99
N LYS E 13 -28.80 -29.73 22.46
CA LYS E 13 -28.68 -31.11 22.90
C LYS E 13 -28.48 -32.03 21.70
N PRO E 14 -27.96 -33.24 21.93
CA PRO E 14 -27.75 -34.17 20.81
C PRO E 14 -29.02 -34.91 20.41
N GLY E 15 -29.82 -34.29 19.53
CA GLY E 15 -31.05 -34.90 19.09
C GLY E 15 -32.17 -33.90 18.80
N ALA E 16 -31.94 -32.64 19.13
CA ALA E 16 -32.93 -31.60 18.89
C ALA E 16 -32.69 -30.98 17.51
N SER E 17 -33.43 -29.91 17.20
CA SER E 17 -33.31 -29.22 15.92
C SER E 17 -33.12 -27.73 16.16
N VAL E 18 -32.55 -27.05 15.17
CA VAL E 18 -32.20 -25.64 15.29
C VAL E 18 -32.78 -24.89 14.09
N LYS E 19 -32.98 -23.59 14.28
CA LYS E 19 -33.51 -22.72 13.23
C LYS E 19 -32.67 -21.44 13.20
N LEU E 20 -31.82 -21.32 12.20
CA LEU E 20 -30.96 -20.16 12.02
C LEU E 20 -31.61 -19.17 11.07
N SER E 21 -31.27 -17.89 11.23
CA SER E 21 -31.89 -16.81 10.47
C SER E 21 -30.82 -15.92 9.85
N CYS E 22 -31.19 -15.25 8.76
CA CYS E 22 -30.30 -14.35 8.04
C CYS E 22 -31.14 -13.27 7.39
N THR E 23 -30.93 -12.02 7.79
CA THR E 23 -31.76 -10.89 7.34
C THR E 23 -30.88 -9.88 6.62
N ALA E 24 -31.34 -9.43 5.45
CA ALA E 24 -30.59 -8.48 4.65
C ALA E 24 -30.88 -7.05 5.13
N SER E 25 -30.30 -6.09 4.41
CA SER E 25 -30.48 -4.68 4.74
C SER E 25 -29.95 -3.84 3.58
N GLY E 26 -30.72 -2.83 3.19
CA GLY E 26 -30.34 -2.02 2.05
C GLY E 26 -30.39 -2.76 0.72
N PHE E 27 -31.20 -3.81 0.63
CA PHE E 27 -31.28 -4.62 -0.57
C PHE E 27 -32.62 -5.33 -0.59
N ASN E 28 -33.01 -5.81 -1.76
CA ASN E 28 -34.22 -6.59 -1.94
C ASN E 28 -33.82 -8.02 -2.29
N ILE E 29 -34.27 -8.98 -1.48
CA ILE E 29 -33.84 -10.36 -1.66
C ILE E 29 -34.41 -10.97 -2.94
N LYS E 30 -35.47 -10.39 -3.50
CA LYS E 30 -36.05 -10.95 -4.71
C LYS E 30 -35.15 -10.83 -5.92
N ASP E 31 -34.08 -10.04 -5.84
CA ASP E 31 -33.23 -9.82 -7.02
C ASP E 31 -32.45 -11.07 -7.38
N THR E 32 -31.97 -11.84 -6.39
CA THR E 32 -31.14 -12.99 -6.66
C THR E 32 -31.27 -13.99 -5.51
N TYR E 33 -30.61 -15.14 -5.68
CA TYR E 33 -30.73 -16.25 -4.75
C TYR E 33 -29.95 -15.97 -3.47
N MET E 34 -30.19 -16.82 -2.47
CA MET E 34 -29.47 -16.80 -1.20
C MET E 34 -28.84 -18.16 -0.96
N HIS E 35 -27.54 -18.18 -0.64
CA HIS E 35 -26.80 -19.42 -0.43
C HIS E 35 -26.44 -19.57 1.04
N TRP E 36 -26.42 -20.83 1.49
CA TRP E 36 -25.99 -21.17 2.85
C TRP E 36 -24.74 -22.02 2.79
N VAL E 37 -23.73 -21.67 3.60
CA VAL E 37 -22.43 -22.32 3.55
C VAL E 37 -22.04 -22.78 4.94
N LYS E 38 -21.27 -23.87 5.01
CA LYS E 38 -20.81 -24.46 6.26
C LYS E 38 -19.29 -24.48 6.29
N GLN E 39 -18.73 -24.31 7.49
CA GLN E 39 -17.28 -24.37 7.67
C GLN E 39 -16.96 -25.10 8.96
N ARG E 40 -16.04 -26.05 8.87
CA ARG E 40 -15.48 -26.82 9.96
C ARG E 40 -14.04 -26.39 10.20
N PRO E 41 -13.53 -26.48 11.43
CA PRO E 41 -12.17 -25.96 11.69
C PRO E 41 -11.09 -26.49 10.76
N GLU E 42 -11.15 -27.77 10.35
CA GLU E 42 -10.07 -28.37 9.59
C GLU E 42 -10.48 -28.98 8.26
N GLN E 43 -11.77 -29.19 8.00
CA GLN E 43 -12.22 -29.84 6.78
C GLN E 43 -12.48 -28.87 5.63
N GLY E 44 -12.32 -27.57 5.84
CA GLY E 44 -12.54 -26.60 4.79
C GLY E 44 -14.02 -26.30 4.58
N LEU E 45 -14.29 -25.46 3.58
CA LEU E 45 -15.63 -25.00 3.32
C LEU E 45 -16.44 -26.06 2.58
N GLU E 46 -17.77 -25.86 2.59
CA GLU E 46 -18.69 -26.76 1.91
C GLU E 46 -19.90 -25.96 1.46
N TRP E 47 -20.76 -26.59 0.69
CA TRP E 47 -21.97 -25.97 0.16
C TRP E 47 -23.18 -26.77 0.61
N ILE E 48 -24.20 -26.08 1.12
CA ILE E 48 -25.39 -26.74 1.66
C ILE E 48 -26.53 -26.63 0.67
N GLY E 49 -26.92 -25.39 0.33
CA GLY E 49 -28.02 -25.21 -0.59
C GLY E 49 -28.24 -23.74 -0.88
N ARG E 50 -29.20 -23.51 -1.78
CA ARG E 50 -29.60 -22.16 -2.18
C ARG E 50 -31.11 -22.10 -2.33
N ILE E 51 -31.63 -20.88 -2.22
CA ILE E 51 -33.07 -20.62 -2.36
C ILE E 51 -33.27 -19.41 -3.26
N ASP E 52 -34.39 -19.44 -4.00
CA ASP E 52 -34.81 -18.34 -4.85
C ASP E 52 -36.09 -17.73 -4.28
N PRO E 53 -36.02 -16.57 -3.61
CA PRO E 53 -37.22 -16.07 -2.93
C PRO E 53 -38.41 -15.82 -3.84
N ALA E 54 -38.18 -15.42 -5.09
CA ALA E 54 -39.29 -15.00 -5.94
C ALA E 54 -40.27 -16.15 -6.19
N ASN E 55 -39.76 -17.34 -6.49
CA ASN E 55 -40.61 -18.49 -6.81
C ASN E 55 -40.72 -19.49 -5.67
N GLY E 56 -39.67 -19.66 -4.86
CA GLY E 56 -39.66 -20.64 -3.81
C GLY E 56 -38.99 -21.95 -4.17
N ASN E 57 -38.32 -22.03 -5.32
CA ASN E 57 -37.63 -23.24 -5.73
C ASN E 57 -36.26 -23.27 -5.07
N THR E 58 -35.97 -24.34 -4.34
CA THR E 58 -34.74 -24.49 -3.58
C THR E 58 -33.93 -25.67 -4.10
N ILE E 59 -32.62 -25.60 -3.89
CA ILE E 59 -31.70 -26.66 -4.31
C ILE E 59 -30.79 -27.01 -3.15
N TYR E 60 -30.57 -28.30 -2.94
CA TYR E 60 -29.70 -28.81 -1.90
C TYR E 60 -28.63 -29.70 -2.51
N ALA E 61 -27.49 -29.79 -1.80
CA ALA E 61 -26.42 -30.68 -2.24
C ALA E 61 -26.88 -32.12 -2.14
N SER E 62 -26.02 -33.03 -2.61
CA SER E 62 -26.34 -34.46 -2.60
C SER E 62 -26.08 -35.12 -1.26
N LYS E 63 -25.38 -34.46 -0.34
CA LYS E 63 -25.06 -35.01 0.96
C LYS E 63 -25.95 -34.49 2.08
N PHE E 64 -26.44 -33.26 1.97
CA PHE E 64 -27.28 -32.65 2.98
C PHE E 64 -28.76 -32.84 2.71
N GLN E 65 -29.13 -33.61 1.69
CA GLN E 65 -30.52 -33.83 1.38
C GLN E 65 -31.21 -34.56 2.53
N GLY E 66 -32.38 -34.07 2.92
CA GLY E 66 -33.20 -34.72 3.92
C GLY E 66 -32.96 -34.28 5.35
N LYS E 67 -31.98 -33.41 5.61
CA LYS E 67 -31.74 -32.92 6.96
C LYS E 67 -31.41 -31.43 6.97
N ALA E 68 -32.00 -30.67 6.04
CA ALA E 68 -31.81 -29.22 6.03
C ALA E 68 -32.93 -28.63 5.18
N THR E 69 -33.72 -27.73 5.76
CA THR E 69 -34.85 -27.12 5.07
C THR E 69 -34.66 -25.61 5.02
N ILE E 70 -34.64 -25.05 3.82
CA ILE E 70 -34.41 -23.62 3.61
C ILE E 70 -35.72 -22.96 3.21
N THR E 71 -36.04 -21.84 3.84
CA THR E 71 -37.25 -21.09 3.53
C THR E 71 -36.92 -19.61 3.51
N ALA E 72 -37.78 -18.85 2.83
CA ALA E 72 -37.56 -17.41 2.68
C ALA E 72 -38.86 -16.68 2.94
N ASP E 73 -38.74 -15.41 3.34
CA ASP E 73 -39.88 -14.54 3.57
C ASP E 73 -39.51 -13.14 3.09
N THR E 74 -40.19 -12.66 2.06
CA THR E 74 -39.88 -11.37 1.45
C THR E 74 -40.66 -10.22 2.06
N SER E 75 -41.62 -10.49 2.94
CA SER E 75 -42.33 -9.41 3.61
C SER E 75 -41.41 -8.65 4.56
N SER E 76 -40.31 -9.26 5.00
CA SER E 76 -39.34 -8.59 5.85
C SER E 76 -37.90 -8.86 5.42
N ASN E 77 -37.67 -9.43 4.24
CA ASN E 77 -36.33 -9.69 3.74
C ASN E 77 -35.54 -10.58 4.70
N THR E 78 -36.02 -11.80 4.88
CA THR E 78 -35.37 -12.73 5.81
C THR E 78 -35.35 -14.13 5.20
N ALA E 79 -34.37 -14.92 5.61
CA ALA E 79 -34.27 -16.32 5.21
C ALA E 79 -34.00 -17.16 6.45
N TYR E 80 -34.59 -18.34 6.49
CA TYR E 80 -34.43 -19.27 7.61
C TYR E 80 -33.91 -20.61 7.10
N MET E 81 -33.12 -21.27 7.95
CA MET E 81 -32.64 -22.61 7.69
C MET E 81 -32.91 -23.46 8.92
N GLN E 82 -33.61 -24.58 8.74
CA GLN E 82 -33.89 -25.51 9.82
C GLN E 82 -33.00 -26.74 9.66
N LEU E 83 -32.30 -27.08 10.74
CA LEU E 83 -31.38 -28.21 10.77
C LEU E 83 -31.90 -29.22 11.78
N SER E 84 -32.01 -30.48 11.36
CA SER E 84 -32.66 -31.51 12.15
C SER E 84 -31.77 -32.73 12.29
N SER E 85 -32.04 -33.51 13.35
CA SER E 85 -31.35 -34.77 13.60
C SER E 85 -29.85 -34.55 13.81
N LEU E 86 -29.53 -33.75 14.82
CA LEU E 86 -28.14 -33.48 15.14
C LEU E 86 -27.47 -34.72 15.74
N THR E 87 -26.19 -34.89 15.43
CA THR E 87 -25.45 -36.08 15.84
C THR E 87 -24.05 -35.76 16.32
N SER E 88 -23.86 -34.59 16.92
CA SER E 88 -22.57 -34.17 17.48
C SER E 88 -21.48 -34.08 16.41
N GLY E 89 -21.87 -34.05 15.14
CA GLY E 89 -20.92 -33.84 14.06
C GLY E 89 -21.20 -32.56 13.31
N ASP E 90 -22.20 -31.81 13.76
CA ASP E 90 -22.63 -30.58 13.10
C ASP E 90 -22.09 -29.33 13.79
N THR E 91 -21.24 -29.48 14.80
CA THR E 91 -20.64 -28.32 15.45
C THR E 91 -19.76 -27.57 14.47
N ALA E 92 -20.14 -26.35 14.09
CA ALA E 92 -19.47 -25.69 12.97
C ALA E 92 -19.89 -24.24 12.93
N VAL E 93 -19.49 -23.53 11.86
CA VAL E 93 -19.82 -22.14 11.64
C VAL E 93 -20.57 -22.03 10.32
N TYR E 94 -21.72 -21.36 10.34
CA TYR E 94 -22.59 -21.25 9.17
C TYR E 94 -22.65 -19.82 8.67
N TYR E 95 -22.68 -19.68 7.34
CA TYR E 95 -22.59 -18.38 6.67
C TYR E 95 -23.76 -18.22 5.69
N CYS E 96 -24.16 -16.96 5.52
CA CYS E 96 -25.20 -16.55 4.57
C CYS E 96 -24.54 -15.72 3.48
N ALA E 97 -24.80 -16.05 2.21
CA ALA E 97 -24.01 -15.47 1.13
C ALA E 97 -24.86 -15.12 -0.08
N LEU E 98 -24.39 -14.10 -0.81
CA LEU E 98 -24.87 -13.73 -2.13
C LEU E 98 -23.70 -13.75 -3.11
N PHE E 99 -23.87 -14.48 -4.22
CA PHE E 99 -22.84 -14.62 -5.24
C PHE E 99 -23.41 -14.28 -6.61
N ILE E 100 -22.64 -13.54 -7.40
CA ILE E 100 -22.90 -13.33 -8.83
C ILE E 100 -21.57 -13.09 -9.51
N THR E 101 -21.29 -13.83 -10.58
CA THR E 101 -20.08 -13.63 -11.36
C THR E 101 -20.43 -13.69 -12.84
N THR E 102 -19.91 -12.72 -13.60
CA THR E 102 -20.19 -12.61 -15.01
C THR E 102 -18.97 -11.99 -15.69
N ALA E 103 -18.90 -12.14 -17.01
CA ALA E 103 -17.76 -11.63 -17.75
C ALA E 103 -17.58 -10.13 -17.60
N THR E 104 -18.63 -9.40 -17.20
CA THR E 104 -18.59 -7.95 -17.19
C THR E 104 -18.74 -7.33 -15.80
N TYR E 105 -19.33 -8.04 -14.83
CA TYR E 105 -19.57 -7.49 -13.51
C TYR E 105 -19.76 -8.64 -12.53
N ALA E 106 -19.70 -8.32 -11.24
CA ALA E 106 -19.85 -9.35 -10.21
C ALA E 106 -20.26 -8.72 -8.89
N MET E 107 -20.84 -9.55 -8.02
CA MET E 107 -21.21 -9.17 -6.66
C MET E 107 -20.89 -10.32 -5.74
N ASP E 108 -20.46 -10.00 -4.52
CA ASP E 108 -20.10 -11.04 -3.55
C ASP E 108 -20.25 -10.47 -2.16
N TYR E 109 -21.24 -10.94 -1.42
CA TYR E 109 -21.50 -10.47 -0.06
C TYR E 109 -21.65 -11.64 0.89
N TRP E 110 -21.04 -11.52 2.07
CA TRP E 110 -21.04 -12.58 3.07
C TRP E 110 -21.58 -12.05 4.38
N GLY E 111 -22.05 -12.97 5.22
CA GLY E 111 -22.53 -12.63 6.54
C GLY E 111 -21.40 -12.52 7.53
N GLN E 112 -21.73 -12.70 8.81
CA GLN E 112 -20.75 -12.65 9.87
C GLN E 112 -20.43 -14.00 10.49
N GLY E 113 -21.33 -14.98 10.36
CA GLY E 113 -21.06 -16.32 10.85
C GLY E 113 -21.76 -16.64 12.14
N THR E 114 -22.48 -17.77 12.18
CA THR E 114 -23.16 -18.24 13.38
C THR E 114 -22.52 -19.55 13.82
N SER E 115 -22.19 -19.65 15.11
CA SER E 115 -21.51 -20.82 15.65
C SER E 115 -22.51 -21.74 16.33
N VAL E 116 -22.50 -23.01 15.95
CA VAL E 116 -23.41 -24.01 16.51
C VAL E 116 -22.57 -25.09 17.17
N THR E 117 -22.91 -25.42 18.42
CA THR E 117 -22.25 -26.48 19.17
C THR E 117 -23.28 -27.46 19.71
N VAL E 118 -22.89 -28.73 19.76
CA VAL E 118 -23.76 -29.82 20.20
C VAL E 118 -23.05 -30.57 21.30
N SER E 119 -23.63 -30.55 22.51
CA SER E 119 -23.02 -31.22 23.65
C SER E 119 -24.09 -31.46 24.70
N SER E 120 -23.79 -32.37 25.63
CA SER E 120 -24.70 -32.75 26.69
C SER E 120 -24.23 -32.28 28.07
N ALA E 121 -23.29 -31.34 28.11
CA ALA E 121 -22.77 -30.83 29.37
C ALA E 121 -23.76 -29.82 29.96
N LYS E 122 -23.33 -29.10 30.99
CA LYS E 122 -24.18 -28.13 31.67
C LYS E 122 -23.45 -26.80 31.78
N THR E 123 -24.21 -25.71 31.71
CA THR E 123 -23.64 -24.38 31.78
C THR E 123 -23.02 -24.13 33.16
N THR E 124 -21.98 -23.30 33.18
CA THR E 124 -21.26 -22.99 34.41
C THR E 124 -20.62 -21.61 34.26
N ALA E 125 -20.23 -21.01 35.44
CA ALA E 125 -19.66 -19.67 35.46
C ALA E 125 -18.15 -19.73 35.69
N PRO E 126 -17.41 -18.75 35.19
CA PRO E 126 -15.95 -18.79 35.29
C PRO E 126 -15.46 -18.36 36.67
N SER E 127 -14.16 -18.57 36.88
CA SER E 127 -13.45 -18.08 38.05
C SER E 127 -12.23 -17.30 37.59
N VAL E 128 -12.05 -16.10 38.13
CA VAL E 128 -11.01 -15.17 37.70
C VAL E 128 -9.99 -15.05 38.81
N TYR E 129 -8.70 -15.14 38.45
CA TYR E 129 -7.61 -15.01 39.40
C TYR E 129 -6.56 -14.05 38.85
N PRO E 130 -5.94 -13.24 39.70
CA PRO E 130 -4.82 -12.41 39.25
C PRO E 130 -3.48 -13.09 39.51
N LEU E 131 -2.46 -12.64 38.77
CA LEU E 131 -1.10 -13.15 38.91
C LEU E 131 -0.14 -11.97 38.89
N ALA E 132 0.63 -11.84 39.97
CA ALA E 132 1.60 -10.78 40.19
C ALA E 132 2.95 -11.39 40.51
N PRO E 133 4.06 -10.68 40.22
CA PRO E 133 5.39 -11.26 40.40
C PRO E 133 5.80 -11.38 41.86
N SER E 141 14.03 -3.89 33.98
CA SER E 141 13.24 -2.67 33.92
C SER E 141 11.91 -2.91 33.22
N SER E 142 11.30 -4.06 33.48
CA SER E 142 10.00 -4.40 32.91
C SER E 142 9.29 -5.35 33.87
N VAL E 143 7.96 -5.36 33.80
CA VAL E 143 7.15 -6.21 34.66
C VAL E 143 6.02 -6.81 33.84
N THR E 144 5.75 -8.10 34.08
CA THR E 144 4.69 -8.82 33.39
C THR E 144 3.66 -9.29 34.42
N LEU E 145 2.39 -9.09 34.10
CA LEU E 145 1.28 -9.44 34.98
C LEU E 145 0.30 -10.30 34.21
N GLY E 146 -0.50 -11.08 34.94
CA GLY E 146 -1.37 -12.06 34.30
C GLY E 146 -2.75 -12.09 34.90
N CYS E 147 -3.72 -12.47 34.07
CA CYS E 147 -5.09 -12.72 34.52
C CYS E 147 -5.50 -14.10 34.00
N LEU E 148 -6.03 -14.95 34.88
CA LEU E 148 -6.32 -16.34 34.57
C LEU E 148 -7.81 -16.61 34.77
N VAL E 149 -8.44 -17.21 33.76
CA VAL E 149 -9.86 -17.57 33.80
C VAL E 149 -9.96 -19.09 33.74
N LYS E 150 -10.68 -19.68 34.69
CA LYS E 150 -10.68 -21.13 34.86
C LYS E 150 -12.08 -21.63 35.12
N GLY E 151 -12.41 -22.78 34.54
CA GLY E 151 -13.62 -23.51 34.85
C GLY E 151 -14.92 -22.85 34.38
N TYR E 152 -15.15 -22.81 33.07
CA TYR E 152 -16.37 -22.22 32.52
C TYR E 152 -16.83 -23.03 31.32
N PHE E 153 -18.06 -22.75 30.89
CA PHE E 153 -18.70 -23.43 29.77
C PHE E 153 -19.95 -22.66 29.37
N PRO E 154 -20.23 -22.45 28.07
CA PRO E 154 -19.46 -22.87 26.88
C PRO E 154 -18.34 -21.90 26.50
N GLU E 155 -17.85 -21.99 25.27
CA GLU E 155 -16.60 -21.30 24.91
C GLU E 155 -16.66 -19.78 25.01
N PRO E 156 -17.64 -19.09 24.44
CA PRO E 156 -17.51 -17.63 24.30
C PRO E 156 -17.31 -16.92 25.63
N VAL E 157 -16.35 -16.00 25.66
CA VAL E 157 -16.03 -15.20 26.83
C VAL E 157 -15.13 -14.06 26.38
N THR E 158 -15.21 -12.90 27.04
CA THR E 158 -14.42 -11.74 26.65
C THR E 158 -13.56 -11.27 27.81
N LEU E 159 -12.31 -10.91 27.50
CA LEU E 159 -11.34 -10.46 28.49
C LEU E 159 -10.70 -9.17 28.00
N THR E 160 -10.58 -8.19 28.88
CA THR E 160 -9.99 -6.90 28.52
C THR E 160 -9.17 -6.36 29.69
N TRP E 161 -8.29 -5.42 29.37
CA TRP E 161 -7.42 -4.79 30.35
C TRP E 161 -7.74 -3.31 30.44
N ASN E 162 -8.00 -2.82 31.66
CA ASN E 162 -8.31 -1.40 31.89
C ASN E 162 -9.47 -0.95 31.02
N SER E 163 -10.44 -1.82 30.82
CA SER E 163 -11.66 -1.50 30.08
C SER E 163 -11.35 -1.04 28.65
N GLY E 164 -10.29 -1.57 28.06
CA GLY E 164 -9.95 -1.26 26.69
C GLY E 164 -9.02 -0.09 26.48
N SER E 165 -8.44 0.45 27.56
CA SER E 165 -7.51 1.56 27.47
C SER E 165 -6.05 1.11 27.46
N LEU E 166 -5.80 -0.19 27.36
CA LEU E 166 -4.45 -0.73 27.34
C LEU E 166 -4.45 -1.90 26.35
N SER E 167 -3.89 -1.66 25.16
CA SER E 167 -3.88 -2.66 24.09
C SER E 167 -2.50 -2.81 23.47
N SER E 168 -1.44 -2.41 24.18
CA SER E 168 -0.08 -2.51 23.68
C SER E 168 0.69 -3.52 24.52
N GLY E 169 1.32 -4.48 23.84
CA GLY E 169 2.08 -5.51 24.53
C GLY E 169 1.22 -6.44 25.37
N VAL E 170 0.07 -6.85 24.86
CA VAL E 170 -0.86 -7.72 25.55
C VAL E 170 -1.08 -8.97 24.71
N HIS E 171 -0.97 -10.14 25.33
CA HIS E 171 -1.17 -11.41 24.66
C HIS E 171 -2.32 -12.17 25.30
N THR E 172 -3.16 -12.78 24.47
CA THR E 172 -4.32 -13.56 24.92
C THR E 172 -4.27 -14.90 24.21
N PHE E 173 -4.04 -15.97 24.96
CA PHE E 173 -3.88 -17.31 24.40
C PHE E 173 -5.22 -17.99 24.20
N PRO E 174 -5.34 -18.88 23.22
CA PRO E 174 -6.63 -19.51 22.94
C PRO E 174 -7.03 -20.48 24.03
N ALA E 175 -8.33 -20.78 24.07
CA ALA E 175 -8.89 -21.68 25.06
C ALA E 175 -8.54 -23.13 24.75
N VAL E 176 -8.46 -23.95 25.80
CA VAL E 176 -8.18 -25.38 25.68
C VAL E 176 -9.16 -26.12 26.56
N LEU E 177 -9.68 -27.24 26.05
CA LEU E 177 -10.72 -28.01 26.73
C LEU E 177 -10.15 -29.31 27.25
N GLN E 178 -10.48 -29.63 28.51
CA GLN E 178 -10.15 -30.92 29.09
C GLN E 178 -11.18 -31.21 30.18
N SER E 179 -11.72 -32.42 30.17
CA SER E 179 -12.78 -32.81 31.11
C SER E 179 -13.91 -31.80 31.09
N ASP E 180 -14.52 -31.66 29.91
CA ASP E 180 -15.63 -30.73 29.64
C ASP E 180 -15.53 -29.45 30.46
N LEU E 181 -14.38 -28.78 30.40
CA LEU E 181 -14.20 -27.49 31.04
C LEU E 181 -13.08 -26.76 30.32
N TYR E 182 -13.19 -25.44 30.26
CA TYR E 182 -12.27 -24.62 29.48
C TYR E 182 -11.28 -23.90 30.40
N THR E 183 -10.34 -23.18 29.79
CA THR E 183 -9.36 -22.40 30.51
C THR E 183 -8.81 -21.31 29.57
N LEU E 184 -8.31 -20.23 30.17
CA LEU E 184 -7.80 -19.13 29.37
C LEU E 184 -6.88 -18.28 30.24
N SER E 185 -5.94 -17.59 29.59
CA SER E 185 -4.99 -16.74 30.30
C SER E 185 -4.65 -15.54 29.44
N SER E 186 -4.25 -14.45 30.08
CA SER E 186 -3.83 -13.25 29.38
C SER E 186 -2.67 -12.61 30.12
N SER E 187 -1.74 -12.03 29.36
CA SER E 187 -0.51 -11.47 29.91
C SER E 187 -0.28 -10.07 29.37
N VAL E 188 0.24 -9.19 30.23
CA VAL E 188 0.52 -7.81 29.84
C VAL E 188 1.87 -7.40 30.41
N THR E 189 2.67 -6.71 29.59
CA THR E 189 4.01 -6.26 29.95
C THR E 189 4.04 -4.74 29.94
N VAL E 190 4.60 -4.15 31.01
CA VAL E 190 4.72 -2.70 31.14
C VAL E 190 6.09 -2.36 31.68
N THR E 191 6.45 -1.08 31.59
CA THR E 191 7.75 -0.62 32.02
C THR E 191 7.80 -0.51 33.54
N SER E 192 8.93 -0.03 34.05
CA SER E 192 9.18 -0.02 35.49
C SER E 192 8.76 1.28 36.16
N SER E 193 8.20 2.23 35.43
CA SER E 193 7.76 3.50 36.02
C SER E 193 6.26 3.69 35.93
N THR E 194 5.49 2.63 35.66
CA THR E 194 4.04 2.72 35.59
C THR E 194 3.36 1.67 36.47
N TRP E 195 4.07 1.13 37.45
CA TRP E 195 3.49 0.17 38.39
C TRP E 195 4.42 0.01 39.59
N PRO E 196 3.89 0.03 40.83
CA PRO E 196 2.48 0.18 41.23
C PRO E 196 2.04 1.64 41.29
N SER E 197 2.69 2.54 40.55
CA SER E 197 2.30 3.94 40.58
C SER E 197 0.91 4.17 39.98
N GLN E 198 0.38 3.20 39.23
CA GLN E 198 -0.93 3.30 38.63
C GLN E 198 -1.73 2.05 38.96
N SER E 199 -2.94 1.97 38.42
CA SER E 199 -3.87 0.86 38.69
C SER E 199 -4.14 0.11 37.39
N ILE E 200 -4.02 -1.22 37.45
CA ILE E 200 -4.28 -2.08 36.32
C ILE E 200 -5.24 -3.17 36.77
N THR E 201 -6.31 -3.39 36.01
CA THR E 201 -7.32 -4.39 36.33
C THR E 201 -7.70 -5.15 35.07
N CYS E 202 -8.06 -6.41 35.25
CA CYS E 202 -8.56 -7.25 34.16
C CYS E 202 -10.05 -7.47 34.35
N ASN E 203 -10.80 -7.29 33.27
CA ASN E 203 -12.25 -7.43 33.26
C ASN E 203 -12.65 -8.63 32.42
N VAL E 204 -13.53 -9.46 32.96
CA VAL E 204 -13.99 -10.68 32.31
C VAL E 204 -15.51 -10.62 32.21
N ALA E 205 -16.04 -10.88 31.02
CA ALA E 205 -17.48 -10.89 30.80
C ALA E 205 -17.89 -12.20 30.13
N HIS E 206 -18.84 -12.89 30.75
CA HIS E 206 -19.45 -14.10 30.19
C HIS E 206 -20.91 -13.79 29.88
N PRO E 207 -21.33 -13.80 28.61
CA PRO E 207 -22.71 -13.41 28.29
C PRO E 207 -23.74 -14.49 28.58
N ALA E 208 -23.36 -15.77 28.40
CA ALA E 208 -24.32 -16.85 28.55
C ALA E 208 -24.92 -16.87 29.96
N SER E 209 -24.06 -16.73 30.98
CA SER E 209 -24.53 -16.67 32.36
C SER E 209 -24.73 -15.24 32.84
N SER E 210 -24.46 -14.23 32.00
CA SER E 210 -24.62 -12.83 32.35
C SER E 210 -23.81 -12.49 33.61
N THR E 211 -22.50 -12.62 33.48
CA THR E 211 -21.59 -12.33 34.59
C THR E 211 -20.52 -11.34 34.12
N LYS E 212 -20.27 -10.33 34.95
CA LYS E 212 -19.21 -9.37 34.71
C LYS E 212 -18.36 -9.26 35.97
N VAL E 213 -17.05 -9.40 35.83
CA VAL E 213 -16.14 -9.36 36.97
C VAL E 213 -14.95 -8.47 36.61
N ASP E 214 -14.40 -7.80 37.61
CA ASP E 214 -13.20 -7.00 37.45
C ASP E 214 -12.27 -7.28 38.62
N LYS E 215 -11.00 -7.54 38.33
CA LYS E 215 -10.03 -7.87 39.37
C LYS E 215 -8.81 -6.96 39.24
N LYS E 216 -8.32 -6.49 40.39
CA LYS E 216 -7.23 -5.54 40.44
C LYS E 216 -5.95 -6.23 40.89
N ILE E 217 -4.87 -6.01 40.15
CA ILE E 217 -3.58 -6.61 40.47
C ILE E 217 -2.88 -5.79 41.54
N GLU E 218 -2.44 -6.45 42.61
CA GLU E 218 -1.72 -5.79 43.69
C GLU E 218 -0.48 -6.59 44.04
N PRO E 219 0.55 -5.94 44.61
CA PRO E 219 1.79 -6.62 44.96
C PRO E 219 1.66 -7.53 46.18
N SER F 1 -19.06 -35.62 -9.80
CA SER F 1 -18.83 -34.22 -9.44
C SER F 1 -17.39 -33.82 -9.75
N ILE F 2 -17.17 -32.53 -9.98
CA ILE F 2 -15.85 -32.02 -10.29
C ILE F 2 -15.05 -31.89 -9.00
N VAL F 3 -13.80 -32.36 -9.03
CA VAL F 3 -12.92 -32.33 -7.87
C VAL F 3 -11.71 -31.47 -8.22
N MET F 4 -11.39 -30.52 -7.35
CA MET F 4 -10.31 -29.58 -7.56
C MET F 4 -9.14 -29.91 -6.64
N THR F 5 -7.94 -30.00 -7.21
CA THR F 5 -6.73 -30.31 -6.46
C THR F 5 -5.84 -29.07 -6.48
N GLN F 6 -5.45 -28.60 -5.30
CA GLN F 6 -4.69 -27.37 -5.14
C GLN F 6 -3.29 -27.69 -4.64
N THR F 7 -2.29 -27.05 -5.24
CA THR F 7 -0.90 -27.21 -4.83
C THR F 7 -0.19 -25.88 -4.88
N PRO F 8 0.84 -25.68 -4.04
CA PRO F 8 1.31 -26.55 -2.96
C PRO F 8 0.49 -26.39 -1.70
N LYS F 9 0.59 -27.33 -0.75
CA LYS F 9 -0.17 -27.25 0.48
C LYS F 9 0.45 -26.32 1.52
N PHE F 10 1.69 -25.89 1.31
CA PHE F 10 2.37 -25.01 2.24
C PHE F 10 3.34 -24.13 1.48
N LEU F 11 3.67 -22.98 2.05
CA LEU F 11 4.57 -22.04 1.40
C LEU F 11 5.33 -21.27 2.45
N LEU F 12 6.42 -20.63 2.01
CA LEU F 12 7.27 -19.86 2.92
C LEU F 12 8.07 -18.87 2.07
N VAL F 13 7.99 -17.59 2.43
CA VAL F 13 8.58 -16.52 1.64
C VAL F 13 9.48 -15.68 2.53
N SER F 14 10.14 -14.69 1.92
CA SER F 14 11.10 -13.84 2.61
C SER F 14 10.74 -12.36 2.48
N ALA F 15 9.46 -12.07 2.27
CA ALA F 15 8.92 -10.71 2.23
C ALA F 15 9.36 -9.92 0.99
N GLY F 16 10.03 -10.57 0.04
CA GLY F 16 10.39 -9.90 -1.20
C GLY F 16 10.36 -10.78 -2.42
N ASP F 17 9.83 -12.00 -2.27
CA ASP F 17 9.87 -13.00 -3.31
C ASP F 17 8.56 -13.03 -4.09
N ARG F 18 8.49 -13.92 -5.09
CA ARG F 18 7.32 -14.13 -5.91
C ARG F 18 6.75 -15.50 -5.59
N VAL F 19 5.42 -15.60 -5.54
CA VAL F 19 4.74 -16.84 -5.17
C VAL F 19 3.74 -17.22 -6.24
N THR F 20 3.62 -18.52 -6.50
CA THR F 20 2.70 -19.05 -7.50
C THR F 20 2.00 -20.27 -6.94
N ILE F 21 0.70 -20.38 -7.20
CA ILE F 21 -0.13 -21.50 -6.75
C ILE F 21 -0.92 -22.01 -7.95
N THR F 22 -1.21 -23.30 -7.96
CA THR F 22 -1.96 -23.91 -9.04
C THR F 22 -3.16 -24.67 -8.48
N CYS F 23 -4.24 -24.72 -9.27
CA CYS F 23 -5.49 -25.36 -8.86
C CYS F 23 -6.04 -26.10 -10.07
N LYS F 24 -5.73 -27.39 -10.18
CA LYS F 24 -6.15 -28.20 -11.32
C LYS F 24 -7.54 -28.78 -11.08
N ALA F 25 -8.24 -29.03 -12.17
CA ALA F 25 -9.60 -29.55 -12.14
C ALA F 25 -9.63 -30.98 -12.67
N SER F 26 -10.73 -31.67 -12.39
CA SER F 26 -10.91 -33.06 -12.79
C SER F 26 -11.73 -33.20 -14.07
N GLN F 27 -12.10 -32.10 -14.70
CA GLN F 27 -12.93 -32.14 -15.90
C GLN F 27 -13.00 -30.73 -16.48
N SER F 28 -13.25 -30.67 -17.79
CA SER F 28 -13.33 -29.38 -18.47
C SER F 28 -14.31 -28.46 -17.77
N VAL F 29 -13.81 -27.34 -17.26
CA VAL F 29 -14.60 -26.41 -16.46
C VAL F 29 -14.69 -25.04 -17.14
N SER F 30 -14.46 -24.98 -18.45
CA SER F 30 -14.52 -23.73 -19.22
C SER F 30 -13.61 -22.72 -18.50
N ASN F 31 -14.08 -21.51 -18.22
CA ASN F 31 -13.28 -20.48 -17.53
C ASN F 31 -14.05 -19.91 -16.36
N ASP F 32 -14.62 -20.78 -15.54
CA ASP F 32 -15.39 -20.39 -14.35
C ASP F 32 -14.59 -20.78 -13.12
N VAL F 33 -13.77 -19.85 -12.63
CA VAL F 33 -12.96 -20.08 -11.44
C VAL F 33 -12.75 -18.75 -10.74
N ALA F 34 -12.71 -18.78 -9.41
CA ALA F 34 -12.53 -17.58 -8.61
C ALA F 34 -11.55 -17.87 -7.49
N TRP F 35 -10.92 -16.82 -6.98
CA TRP F 35 -9.87 -16.94 -5.97
C TRP F 35 -10.18 -16.06 -4.77
N TYR F 36 -10.09 -16.62 -3.56
CA TYR F 36 -10.46 -15.94 -2.33
C TYR F 36 -9.26 -15.70 -1.41
N GLN F 37 -9.54 -15.07 -0.27
CA GLN F 37 -8.58 -14.84 0.79
C GLN F 37 -9.32 -14.77 2.12
N GLN F 38 -8.92 -15.59 3.09
CA GLN F 38 -9.52 -15.60 4.42
C GLN F 38 -8.44 -15.37 5.48
N LYS F 39 -8.42 -14.16 6.04
CA LYS F 39 -7.54 -13.86 7.16
C LYS F 39 -8.10 -14.51 8.43
N PRO F 40 -7.28 -14.65 9.47
CA PRO F 40 -7.72 -15.38 10.66
C PRO F 40 -8.85 -14.65 11.40
N GLY F 41 -9.98 -15.33 11.56
CA GLY F 41 -11.09 -14.79 12.32
C GLY F 41 -12.04 -13.89 11.55
N GLN F 42 -12.10 -14.03 10.23
CA GLN F 42 -12.97 -13.19 9.40
C GLN F 42 -13.58 -14.03 8.30
N SER F 43 -14.51 -13.42 7.56
CA SER F 43 -15.14 -14.12 6.44
C SER F 43 -14.34 -13.91 5.16
N PRO F 44 -14.42 -14.85 4.21
CA PRO F 44 -13.63 -14.72 2.98
C PRO F 44 -13.89 -13.41 2.25
N LYS F 45 -13.06 -13.16 1.24
CA LYS F 45 -13.20 -12.00 0.36
C LYS F 45 -12.76 -12.39 -1.04
N LEU F 46 -13.47 -11.87 -2.04
CA LEU F 46 -13.12 -12.16 -3.43
C LEU F 46 -11.90 -11.34 -3.86
N LEU F 47 -11.11 -11.95 -4.74
CA LEU F 47 -9.97 -11.25 -5.35
C LEU F 47 -9.92 -11.33 -6.86
N ILE F 48 -10.40 -12.40 -7.49
CA ILE F 48 -10.30 -12.58 -8.93
C ILE F 48 -11.46 -13.47 -9.37
N TYR F 49 -12.25 -13.00 -10.34
CA TYR F 49 -13.35 -13.77 -10.88
C TYR F 49 -13.12 -14.03 -12.37
N TYR F 50 -13.98 -14.87 -12.93
CA TYR F 50 -13.89 -15.32 -14.32
C TYR F 50 -12.45 -15.55 -14.75
N ALA F 51 -11.63 -16.10 -13.85
CA ALA F 51 -10.31 -16.59 -14.16
C ALA F 51 -9.31 -15.49 -14.52
N SER F 52 -9.79 -14.27 -14.76
CA SER F 52 -8.90 -13.13 -15.01
C SER F 52 -9.72 -11.85 -14.87
N ASN F 53 -9.66 -11.23 -13.71
CA ASN F 53 -10.31 -9.94 -13.45
C ASN F 53 -9.85 -9.49 -12.06
N ARG F 54 -10.41 -8.37 -11.60
CA ARG F 54 -10.05 -7.85 -10.28
C ARG F 54 -11.23 -7.11 -9.69
N TYR F 55 -11.65 -7.54 -8.50
CA TYR F 55 -12.72 -6.86 -7.79
C TYR F 55 -12.28 -5.42 -7.45
N THR F 56 -13.23 -4.63 -6.98
CA THR F 56 -12.93 -3.24 -6.66
C THR F 56 -12.08 -3.14 -5.40
N GLY F 57 -10.95 -2.45 -5.49
CA GLY F 57 -10.06 -2.26 -4.37
C GLY F 57 -8.87 -3.20 -4.34
N VAL F 58 -8.80 -4.16 -5.25
CA VAL F 58 -7.67 -5.10 -5.28
C VAL F 58 -6.46 -4.40 -5.88
N PRO F 59 -5.29 -4.43 -5.22
CA PRO F 59 -4.11 -3.79 -5.81
C PRO F 59 -3.60 -4.53 -7.04
N ASP F 60 -2.49 -4.05 -7.61
CA ASP F 60 -1.99 -4.59 -8.86
C ASP F 60 -1.09 -5.81 -8.67
N ARG F 61 -0.64 -6.07 -7.45
CA ARG F 61 0.27 -7.20 -7.23
C ARG F 61 -0.37 -8.52 -7.65
N PHE F 62 -1.56 -8.79 -7.15
CA PHE F 62 -2.20 -10.08 -7.40
C PHE F 62 -2.53 -10.23 -8.88
N THR F 63 -2.37 -11.45 -9.40
CA THR F 63 -2.85 -11.74 -10.74
C THR F 63 -3.11 -13.24 -10.88
N GLY F 64 -3.90 -13.58 -11.90
CA GLY F 64 -4.27 -14.96 -12.13
C GLY F 64 -4.50 -15.21 -13.62
N SER F 65 -4.40 -16.47 -14.00
CA SER F 65 -4.51 -16.85 -15.41
C SER F 65 -4.84 -18.33 -15.48
N GLY F 66 -5.03 -18.81 -16.71
CA GLY F 66 -5.31 -20.20 -16.97
C GLY F 66 -6.60 -20.40 -17.75
N TYR F 67 -6.81 -21.64 -18.16
CA TYR F 67 -8.02 -21.98 -18.90
C TYR F 67 -8.12 -23.47 -19.17
N GLY F 68 -9.36 -23.98 -19.31
CA GLY F 68 -9.59 -25.35 -19.67
C GLY F 68 -9.53 -26.31 -18.50
N THR F 69 -8.31 -26.65 -18.06
CA THR F 69 -8.14 -27.56 -16.94
C THR F 69 -7.00 -27.15 -16.01
N ASP F 70 -6.33 -26.04 -16.27
CA ASP F 70 -5.22 -25.59 -15.43
C ASP F 70 -5.37 -24.11 -15.16
N PHE F 71 -5.27 -23.72 -13.88
CA PHE F 71 -5.39 -22.34 -13.46
C PHE F 71 -4.31 -22.03 -12.43
N THR F 72 -3.74 -20.84 -12.53
CA THR F 72 -2.64 -20.42 -11.67
C THR F 72 -2.91 -19.02 -11.13
N PHE F 73 -2.38 -18.77 -9.93
CA PHE F 73 -2.52 -17.50 -9.22
C PHE F 73 -1.17 -17.11 -8.66
N THR F 74 -0.70 -15.91 -9.00
CA THR F 74 0.63 -15.48 -8.62
C THR F 74 0.64 -14.08 -8.03
N ILE F 75 1.53 -13.89 -7.06
CA ILE F 75 1.81 -12.60 -6.42
C ILE F 75 3.26 -12.27 -6.70
N SER F 76 3.51 -11.02 -7.12
CA SER F 76 4.85 -10.62 -7.53
C SER F 76 5.75 -10.33 -6.33
N THR F 77 5.37 -9.34 -5.52
CA THR F 77 6.19 -8.88 -4.40
C THR F 77 5.37 -9.04 -3.12
N VAL F 78 5.68 -10.08 -2.34
CA VAL F 78 4.97 -10.31 -1.09
C VAL F 78 5.27 -9.18 -0.10
N GLN F 79 4.30 -8.88 0.74
CA GLN F 79 4.43 -7.87 1.78
C GLN F 79 4.09 -8.49 3.13
N ALA F 80 4.10 -7.66 4.17
CA ALA F 80 3.84 -8.14 5.52
C ALA F 80 2.36 -8.24 5.85
N GLU F 81 1.48 -7.73 4.99
CA GLU F 81 0.04 -7.78 5.22
C GLU F 81 -0.65 -8.84 4.37
N ASP F 82 0.08 -9.87 3.95
CA ASP F 82 -0.48 -10.92 3.10
C ASP F 82 -0.36 -12.28 3.75
N LEU F 83 -0.71 -12.36 5.03
CA LEU F 83 -0.78 -13.63 5.75
C LEU F 83 -2.24 -14.07 5.80
N ALA F 84 -2.57 -15.15 5.08
CA ALA F 84 -3.94 -15.61 4.97
C ALA F 84 -3.93 -17.00 4.35
N VAL F 85 -5.12 -17.50 4.02
CA VAL F 85 -5.31 -18.80 3.39
C VAL F 85 -6.10 -18.58 2.11
N TYR F 86 -5.65 -19.19 1.01
CA TYR F 86 -6.20 -18.94 -0.32
C TYR F 86 -6.92 -20.18 -0.84
N PHE F 87 -8.11 -19.97 -1.40
CA PHE F 87 -8.93 -21.03 -1.95
C PHE F 87 -9.18 -20.79 -3.42
N CYS F 88 -9.56 -21.85 -4.14
CA CYS F 88 -10.00 -21.76 -5.52
C CYS F 88 -11.37 -22.42 -5.65
N GLN F 89 -12.31 -21.72 -6.28
CA GLN F 89 -13.68 -22.19 -6.42
C GLN F 89 -14.04 -22.30 -7.89
N GLN F 90 -14.82 -23.33 -8.22
CA GLN F 90 -15.42 -23.50 -9.53
C GLN F 90 -16.94 -23.38 -9.42
N ASP F 91 -17.59 -23.21 -10.56
CA ASP F 91 -19.03 -22.91 -10.58
C ASP F 91 -19.77 -23.70 -11.66
N TYR F 92 -19.07 -24.50 -12.47
CA TYR F 92 -19.74 -25.22 -13.55
C TYR F 92 -20.80 -26.19 -13.04
N SER F 93 -20.75 -26.55 -11.76
CA SER F 93 -21.71 -27.45 -11.15
C SER F 93 -21.87 -27.03 -9.70
N SER F 94 -22.41 -27.91 -8.85
CA SER F 94 -22.47 -27.62 -7.43
C SER F 94 -21.11 -27.14 -6.94
N LEU F 95 -21.11 -26.02 -6.22
CA LEU F 95 -19.86 -25.33 -5.92
C LEU F 95 -18.93 -26.21 -5.09
N THR F 96 -17.63 -26.09 -5.37
CA THR F 96 -16.57 -26.77 -4.63
C THR F 96 -15.49 -25.74 -4.30
N PHE F 97 -14.90 -25.86 -3.11
CA PHE F 97 -14.04 -24.82 -2.57
C PHE F 97 -12.60 -25.28 -2.38
N GLY F 98 -12.10 -26.14 -3.26
CA GLY F 98 -10.70 -26.48 -3.21
C GLY F 98 -10.30 -27.09 -1.87
N ALA F 99 -9.05 -26.82 -1.47
CA ALA F 99 -8.51 -27.36 -0.22
C ALA F 99 -7.90 -26.30 0.68
N GLY F 100 -7.22 -25.31 0.12
CA GLY F 100 -6.64 -24.23 0.90
C GLY F 100 -5.12 -24.33 0.99
N THR F 101 -4.46 -23.17 0.93
CA THR F 101 -3.01 -23.07 1.02
C THR F 101 -2.64 -22.00 2.04
N LYS F 102 -1.71 -22.34 2.93
CA LYS F 102 -1.28 -21.41 3.97
C LYS F 102 -0.11 -20.57 3.47
N LEU F 103 0.43 -19.72 4.33
CA LEU F 103 1.54 -18.85 3.97
C LEU F 103 2.24 -18.39 5.24
N GLU F 104 3.54 -18.12 5.12
CA GLU F 104 4.35 -17.71 6.25
C GLU F 104 5.43 -16.76 5.78
N LEU F 105 6.05 -16.07 6.73
CA LEU F 105 7.12 -15.11 6.47
C LEU F 105 8.41 -15.56 7.16
N LYS F 106 9.44 -14.74 7.05
CA LYS F 106 10.74 -15.02 7.63
C LYS F 106 11.27 -13.79 8.34
N ARG F 107 12.28 -13.99 9.16
CA ARG F 107 12.97 -12.90 9.85
C ARG F 107 14.17 -13.49 10.59
N ALA F 108 14.94 -12.62 11.23
CA ALA F 108 16.08 -13.07 12.01
C ALA F 108 15.63 -13.74 13.30
N ASP F 109 16.50 -14.59 13.84
CA ASP F 109 16.17 -15.34 15.03
C ASP F 109 16.10 -14.43 16.25
N ALA F 110 15.48 -14.95 17.31
CA ALA F 110 15.34 -14.24 18.57
C ALA F 110 15.19 -15.26 19.69
N ALA F 111 15.37 -14.79 20.92
CA ALA F 111 15.32 -15.67 22.08
C ALA F 111 14.04 -15.42 22.89
N PRO F 112 13.55 -16.42 23.61
CA PRO F 112 12.32 -16.24 24.38
C PRO F 112 12.54 -15.44 25.66
N THR F 113 11.46 -14.83 26.12
CA THR F 113 11.41 -14.17 27.43
C THR F 113 10.53 -15.01 28.34
N VAL F 114 11.07 -15.40 29.50
CA VAL F 114 10.46 -16.40 30.36
C VAL F 114 10.01 -15.75 31.65
N SER F 115 8.78 -16.04 32.08
CA SER F 115 8.26 -15.57 33.35
C SER F 115 7.53 -16.72 34.05
N ILE F 116 7.58 -16.73 35.37
CA ILE F 116 6.97 -17.79 36.19
C ILE F 116 6.13 -17.14 37.28
N PHE F 117 4.91 -17.64 37.46
CA PHE F 117 3.97 -17.09 38.43
C PHE F 117 3.47 -18.20 39.36
N PRO F 118 3.49 -17.99 40.67
CA PRO F 118 3.02 -19.02 41.61
C PRO F 118 1.53 -18.90 41.86
N PRO F 119 0.94 -19.80 42.65
CA PRO F 119 -0.50 -19.73 42.90
C PRO F 119 -0.88 -18.51 43.73
N SER F 120 -2.12 -18.06 43.53
CA SER F 120 -2.66 -16.92 44.25
C SER F 120 -3.23 -17.36 45.59
N SER F 121 -3.58 -16.37 46.42
CA SER F 121 -4.11 -16.68 47.75
C SER F 121 -5.55 -17.18 47.67
N GLU F 122 -6.38 -16.55 46.83
CA GLU F 122 -7.77 -16.98 46.72
C GLU F 122 -7.87 -18.42 46.23
N GLN F 123 -7.07 -18.77 45.22
CA GLN F 123 -7.09 -20.14 44.71
C GLN F 123 -6.65 -21.12 45.78
N LEU F 124 -5.61 -20.77 46.54
CA LEU F 124 -5.14 -21.64 47.62
C LEU F 124 -6.24 -21.85 48.65
N THR F 125 -6.99 -20.79 48.97
CA THR F 125 -8.13 -20.95 49.86
C THR F 125 -9.19 -21.86 49.24
N SER F 126 -9.37 -21.79 47.91
CA SER F 126 -10.39 -22.59 47.26
C SER F 126 -10.12 -24.09 47.44
N GLY F 127 -8.88 -24.52 47.20
CA GLY F 127 -8.53 -25.92 47.37
C GLY F 127 -7.53 -26.46 46.36
N GLY F 128 -7.21 -25.68 45.33
CA GLY F 128 -6.27 -26.09 44.31
C GLY F 128 -5.06 -25.18 44.27
N ALA F 129 -4.15 -25.48 43.33
CA ALA F 129 -2.98 -24.65 43.11
C ALA F 129 -2.55 -24.79 41.66
N SER F 130 -2.25 -23.65 41.03
CA SER F 130 -1.83 -23.62 39.63
C SER F 130 -0.58 -22.76 39.49
N VAL F 131 0.42 -23.28 38.80
CA VAL F 131 1.67 -22.57 38.54
C VAL F 131 1.75 -22.30 37.04
N VAL F 132 2.11 -21.07 36.66
CA VAL F 132 2.03 -20.62 35.29
C VAL F 132 3.42 -20.24 34.79
N CYS F 133 3.69 -20.55 33.52
CA CYS F 133 4.96 -20.23 32.87
C CYS F 133 4.66 -19.63 31.50
N PHE F 134 5.10 -18.40 31.29
CA PHE F 134 4.89 -17.68 30.03
C PHE F 134 6.21 -17.58 29.27
N LEU F 135 6.17 -17.92 27.98
CA LEU F 135 7.30 -17.72 27.08
C LEU F 135 6.84 -16.80 25.96
N ASN F 136 7.57 -15.70 25.76
CA ASN F 136 7.11 -14.64 24.86
C ASN F 136 8.18 -14.27 23.84
N ASN F 137 7.71 -14.01 22.61
CA ASN F 137 8.50 -13.36 21.57
C ASN F 137 9.78 -14.14 21.25
N PHE F 138 9.58 -15.33 20.69
CA PHE F 138 10.69 -16.17 20.25
C PHE F 138 10.49 -16.57 18.80
N TYR F 139 11.52 -17.20 18.24
CA TYR F 139 11.54 -17.63 16.85
C TYR F 139 12.73 -18.56 16.64
N PRO F 140 12.59 -19.65 15.86
CA PRO F 140 11.41 -20.13 15.13
C PRO F 140 10.39 -20.85 16.00
N LYS F 141 9.46 -21.57 15.38
CA LYS F 141 8.30 -22.09 16.09
C LYS F 141 8.70 -23.12 17.15
N ASP F 142 9.61 -24.02 16.83
CA ASP F 142 9.86 -25.17 17.69
C ASP F 142 10.44 -24.76 19.04
N ILE F 143 9.96 -25.40 20.10
CA ILE F 143 10.45 -25.16 21.46
C ILE F 143 10.12 -26.38 22.29
N ASN F 144 10.83 -26.55 23.41
CA ASN F 144 10.52 -27.59 24.38
C ASN F 144 10.43 -26.98 25.77
N VAL F 145 9.46 -27.43 26.55
CA VAL F 145 9.23 -26.92 27.91
C VAL F 145 9.14 -28.10 28.86
N LYS F 146 9.80 -27.97 30.02
CA LYS F 146 9.81 -29.01 31.03
C LYS F 146 9.59 -28.40 32.41
N TRP F 147 8.94 -29.17 33.28
CA TRP F 147 8.65 -28.77 34.65
C TRP F 147 9.44 -29.66 35.60
N LYS F 148 9.95 -29.08 36.68
CA LYS F 148 10.66 -29.87 37.68
C LYS F 148 10.28 -29.38 39.08
N ILE F 149 10.04 -30.33 39.98
CA ILE F 149 9.71 -30.05 41.37
C ILE F 149 10.68 -30.82 42.26
N ASP F 150 11.37 -30.10 43.15
CA ASP F 150 12.34 -30.71 44.05
C ASP F 150 13.38 -31.51 43.27
N GLY F 151 13.80 -30.98 42.12
CA GLY F 151 14.81 -31.62 41.31
C GLY F 151 14.39 -32.98 40.78
N SER F 152 13.18 -33.07 40.25
CA SER F 152 12.68 -34.33 39.70
C SER F 152 11.73 -34.03 38.55
N GLU F 153 11.53 -35.03 37.70
CA GLU F 153 10.67 -34.88 36.54
C GLU F 153 9.20 -34.94 36.94
N ARG F 154 8.37 -34.24 36.18
CA ARG F 154 6.92 -34.23 36.40
C ARG F 154 6.23 -34.00 35.07
N GLN F 155 5.39 -34.94 34.65
CA GLN F 155 4.72 -34.87 33.36
C GLN F 155 3.27 -35.31 33.47
N ASN F 156 2.57 -34.83 34.50
CA ASN F 156 1.16 -35.11 34.69
C ASN F 156 0.43 -33.82 35.06
N GLY F 157 -0.68 -33.57 34.36
CA GLY F 157 -1.49 -32.40 34.62
C GLY F 157 -1.08 -31.15 33.89
N VAL F 158 -0.06 -31.21 33.03
CA VAL F 158 0.43 -30.04 32.33
C VAL F 158 -0.52 -29.69 31.20
N LEU F 159 -0.68 -28.39 30.94
CA LEU F 159 -1.46 -27.89 29.81
C LEU F 159 -0.64 -26.85 29.07
N ASN F 160 -0.61 -26.94 27.75
CA ASN F 160 0.16 -26.03 26.91
C ASN F 160 -0.74 -25.37 25.89
N SER F 161 -0.43 -24.13 25.54
CA SER F 161 -1.18 -23.40 24.54
C SER F 161 -0.25 -22.50 23.73
N TRP F 162 -0.49 -22.45 22.42
CA TRP F 162 0.34 -21.69 21.49
C TRP F 162 -0.45 -20.54 20.89
N THR F 163 0.26 -19.63 20.25
CA THR F 163 -0.32 -18.44 19.64
C THR F 163 0.12 -18.35 18.19
N ASP F 164 -0.75 -17.79 17.36
CA ASP F 164 -0.45 -17.67 15.93
C ASP F 164 0.60 -16.60 15.69
N GLN F 165 1.16 -16.61 14.48
CA GLN F 165 2.20 -15.65 14.13
C GLN F 165 1.67 -14.23 14.21
N ASP F 166 2.44 -13.36 14.86
CA ASP F 166 2.01 -11.98 15.03
C ASP F 166 2.03 -11.23 13.71
N SER F 167 1.15 -10.24 13.59
CA SER F 167 1.07 -9.40 12.40
C SER F 167 1.90 -8.13 12.51
N LYS F 168 2.52 -7.87 13.67
CA LYS F 168 3.33 -6.68 13.89
C LYS F 168 4.82 -6.95 13.72
N ASP F 169 5.32 -8.06 14.26
CA ASP F 169 6.73 -8.39 14.17
C ASP F 169 6.99 -9.85 13.81
N SER F 170 5.95 -10.66 13.63
CA SER F 170 6.10 -12.05 13.19
C SER F 170 6.88 -12.87 14.22
N THR F 171 6.33 -12.95 15.42
CA THR F 171 6.92 -13.72 16.50
C THR F 171 5.83 -14.50 17.22
N TYR F 172 6.21 -15.63 17.82
CA TYR F 172 5.28 -16.56 18.43
C TYR F 172 5.20 -16.30 19.94
N SER F 173 4.50 -17.20 20.65
CA SER F 173 4.39 -17.14 22.10
C SER F 173 3.88 -18.49 22.58
N MET F 174 3.87 -18.68 23.90
CA MET F 174 3.44 -19.95 24.45
C MET F 174 3.16 -19.81 25.93
N SER F 175 2.22 -20.61 26.43
CA SER F 175 1.85 -20.63 27.84
C SER F 175 1.77 -22.07 28.32
N SER F 176 2.23 -22.30 29.55
CA SER F 176 2.20 -23.62 30.17
C SER F 176 1.65 -23.49 31.59
N THR F 177 0.89 -24.49 32.02
CA THR F 177 0.24 -24.48 33.32
C THR F 177 0.36 -25.85 33.97
N LEU F 178 0.62 -25.86 35.27
CA LEU F 178 0.69 -27.09 36.06
C LEU F 178 -0.29 -26.96 37.23
N THR F 179 -1.10 -28.00 37.43
CA THR F 179 -2.17 -27.99 38.43
C THR F 179 -1.93 -29.08 39.46
N LEU F 180 -2.18 -28.75 40.74
CA LEU F 180 -2.00 -29.66 41.84
C LEU F 180 -3.01 -29.36 42.92
N THR F 181 -3.12 -30.27 43.89
CA THR F 181 -3.94 -30.03 45.07
C THR F 181 -3.17 -29.21 46.10
N LYS F 182 -3.91 -28.67 47.07
CA LYS F 182 -3.29 -27.77 48.05
C LYS F 182 -2.25 -28.51 48.88
N ASP F 183 -2.61 -29.67 49.43
CA ASP F 183 -1.68 -30.40 50.29
C ASP F 183 -0.44 -30.84 49.51
N GLU F 184 -0.64 -31.37 48.30
CA GLU F 184 0.50 -31.80 47.50
C GLU F 184 1.40 -30.62 47.16
N TYR F 185 0.81 -29.48 46.82
CA TYR F 185 1.61 -28.29 46.55
C TYR F 185 2.41 -27.88 47.77
N GLU F 186 1.78 -27.91 48.95
CA GLU F 186 2.47 -27.49 50.17
C GLU F 186 3.48 -28.51 50.67
N ARG F 187 3.46 -29.73 50.14
CA ARG F 187 4.43 -30.73 50.60
C ARG F 187 5.82 -30.48 50.04
N HIS F 188 5.94 -29.84 48.88
CA HIS F 188 7.21 -29.60 48.24
C HIS F 188 7.69 -28.19 48.53
N ASN F 189 8.89 -27.85 48.00
CA ASN F 189 9.53 -26.60 48.38
C ASN F 189 9.92 -25.71 47.19
N SER F 190 10.41 -26.29 46.10
CA SER F 190 10.95 -25.51 45.00
C SER F 190 10.38 -25.99 43.67
N TYR F 191 10.29 -25.07 42.70
CA TYR F 191 9.76 -25.38 41.39
C TYR F 191 10.59 -24.69 40.32
N THR F 192 10.67 -25.30 39.14
CA THR F 192 11.49 -24.77 38.07
C THR F 192 10.83 -25.04 36.72
N CYS F 193 10.94 -24.06 35.82
CA CYS F 193 10.42 -24.12 34.46
C CYS F 193 11.60 -23.97 33.51
N GLU F 194 11.79 -24.95 32.62
CA GLU F 194 12.94 -24.99 31.74
C GLU F 194 12.49 -24.98 30.29
N ALA F 195 13.21 -24.20 29.45
CA ALA F 195 12.88 -24.05 28.04
C ALA F 195 14.13 -24.35 27.22
N THR F 196 13.97 -25.16 26.18
CA THR F 196 15.03 -25.47 25.24
C THR F 196 14.63 -25.00 23.85
N HIS F 197 15.55 -24.26 23.20
CA HIS F 197 15.30 -23.64 21.92
C HIS F 197 16.55 -23.77 21.06
N LYS F 198 16.45 -23.37 19.79
CA LYS F 198 17.56 -23.52 18.86
C LYS F 198 18.67 -22.51 19.12
N THR F 199 18.34 -21.33 19.64
CA THR F 199 19.28 -20.22 19.73
C THR F 199 20.07 -20.21 21.03
N SER F 200 20.30 -21.37 21.63
CA SER F 200 21.10 -21.43 22.85
C SER F 200 21.53 -22.86 23.13
N THR F 201 22.82 -23.07 23.37
CA THR F 201 23.34 -24.41 23.60
C THR F 201 22.93 -24.98 24.96
N SER F 202 22.40 -24.15 25.85
CA SER F 202 21.97 -24.60 27.18
C SER F 202 20.56 -24.13 27.45
N PRO F 203 19.79 -24.87 28.25
CA PRO F 203 18.41 -24.47 28.52
C PRO F 203 18.33 -23.18 29.32
N ILE F 204 17.22 -22.47 29.13
CA ILE F 204 16.88 -21.30 29.94
C ILE F 204 15.97 -21.76 31.06
N VAL F 205 16.41 -21.57 32.30
CA VAL F 205 15.72 -22.09 33.48
C VAL F 205 15.31 -20.93 34.36
N LYS F 206 14.06 -20.94 34.82
CA LYS F 206 13.55 -19.95 35.76
C LYS F 206 12.92 -20.69 36.94
N SER F 207 13.34 -20.35 38.15
CA SER F 207 13.00 -21.13 39.33
C SER F 207 12.43 -20.22 40.41
N PHE F 208 11.68 -20.84 41.33
CA PHE F 208 11.22 -20.12 42.51
C PHE F 208 11.06 -21.08 43.68
N ASN F 209 11.04 -20.51 44.88
CA ASN F 209 11.01 -21.26 46.13
C ASN F 209 9.80 -20.85 46.93
N ARG F 210 9.17 -21.83 47.59
CA ARG F 210 7.92 -21.58 48.29
C ARG F 210 8.13 -20.84 49.61
N ASN F 211 9.21 -21.13 50.33
CA ASN F 211 9.38 -20.59 51.67
C ASN F 211 9.52 -19.07 51.65
N GLU F 212 10.22 -18.53 50.65
CA GLU F 212 10.44 -17.09 50.56
C GLU F 212 9.89 -16.54 49.25
N GLU G 1 12.77 5.27 -21.31
CA GLU G 1 13.03 5.87 -20.01
C GLU G 1 13.93 7.09 -20.15
N VAL G 2 14.26 7.70 -19.02
CA VAL G 2 15.16 8.87 -18.99
C VAL G 2 16.02 8.76 -17.73
N GLN G 3 17.29 9.12 -17.87
CA GLN G 3 18.23 9.03 -16.76
C GLN G 3 19.21 10.19 -16.82
N LEU G 4 19.48 10.78 -15.66
CA LEU G 4 20.45 11.87 -15.53
C LEU G 4 21.63 11.38 -14.70
N GLN G 5 22.84 11.55 -15.23
CA GLN G 5 24.06 11.09 -14.59
C GLN G 5 24.99 12.28 -14.34
N GLN G 6 25.68 12.26 -13.21
CA GLN G 6 26.51 13.38 -12.78
C GLN G 6 27.91 12.88 -12.43
N SER G 7 28.77 13.82 -12.04
CA SER G 7 30.15 13.51 -11.68
C SER G 7 30.21 13.08 -10.21
N GLY G 8 31.43 13.01 -9.66
CA GLY G 8 31.63 12.62 -8.29
C GLY G 8 31.93 13.82 -7.39
N ALA G 9 32.06 13.52 -6.10
CA ALA G 9 32.31 14.55 -5.11
C ALA G 9 33.67 15.21 -5.34
N GLU G 10 33.77 16.49 -4.99
CA GLU G 10 34.98 17.25 -5.23
C GLU G 10 35.34 18.07 -4.00
N LEU G 11 36.65 18.21 -3.78
CA LEU G 11 37.20 19.07 -2.74
C LEU G 11 38.17 20.05 -3.40
N VAL G 12 38.03 21.34 -3.09
CA VAL G 12 38.82 22.37 -3.75
C VAL G 12 39.36 23.35 -2.71
N LYS G 13 40.44 24.04 -3.09
CA LYS G 13 41.05 25.04 -2.23
C LYS G 13 40.18 26.29 -2.18
N PRO G 14 40.38 27.13 -1.16
CA PRO G 14 39.56 28.35 -1.05
C PRO G 14 40.04 29.47 -1.96
N GLY G 15 39.58 29.47 -3.20
CA GLY G 15 39.99 30.48 -4.16
C GLY G 15 40.09 29.97 -5.59
N ALA G 16 39.94 28.67 -5.78
CA ALA G 16 39.97 28.08 -7.11
C ALA G 16 38.56 28.06 -7.69
N SER G 17 38.39 27.37 -8.82
CA SER G 17 37.10 27.25 -9.49
C SER G 17 36.86 25.80 -9.87
N VAL G 18 35.59 25.45 -10.03
CA VAL G 18 35.19 24.08 -10.33
C VAL G 18 34.30 24.08 -11.56
N LYS G 19 34.21 22.91 -12.20
CA LYS G 19 33.40 22.73 -13.40
C LYS G 19 32.64 21.41 -13.26
N LEU G 20 31.35 21.50 -12.94
CA LEU G 20 30.51 20.33 -12.77
C LEU G 20 29.80 20.02 -14.09
N SER G 21 29.46 18.73 -14.26
CA SER G 21 28.88 18.24 -15.50
C SER G 21 27.60 17.45 -15.22
N CYS G 22 26.74 17.40 -16.23
CA CYS G 22 25.48 16.68 -16.14
C CYS G 22 25.10 16.19 -17.53
N THR G 23 25.01 14.88 -17.70
CA THR G 23 24.78 14.27 -19.01
C THR G 23 23.49 13.46 -18.97
N ALA G 24 22.66 13.62 -20.00
CA ALA G 24 21.39 12.93 -20.10
C ALA G 24 21.57 11.54 -20.70
N SER G 25 20.46 10.84 -20.90
CA SER G 25 20.47 9.50 -21.48
C SER G 25 19.04 9.12 -21.85
N GLY G 26 18.88 8.56 -23.04
CA GLY G 26 17.54 8.22 -23.51
C GLY G 26 16.66 9.41 -23.74
N PHE G 27 17.24 10.58 -24.02
CA PHE G 27 16.48 11.81 -24.21
C PHE G 27 17.34 12.77 -25.01
N ASN G 28 16.68 13.76 -25.60
CA ASN G 28 17.34 14.81 -26.36
C ASN G 28 17.20 16.12 -25.59
N ILE G 29 18.32 16.76 -25.27
CA ILE G 29 18.29 17.95 -24.44
C ILE G 29 17.68 19.14 -25.19
N LYS G 30 17.62 19.09 -26.52
CA LYS G 30 17.07 20.20 -27.27
C LYS G 30 15.58 20.40 -27.04
N ASP G 31 14.90 19.42 -26.45
CA ASP G 31 13.45 19.51 -26.28
C ASP G 31 13.07 20.60 -25.29
N THR G 32 13.80 20.72 -24.19
CA THR G 32 13.43 21.67 -23.14
C THR G 32 14.67 22.12 -22.39
N TYR G 33 14.48 23.05 -21.46
CA TYR G 33 15.58 23.68 -20.74
C TYR G 33 16.16 22.71 -19.70
N MET G 34 17.29 23.11 -19.13
CA MET G 34 17.93 22.39 -18.05
C MET G 34 18.20 23.33 -16.89
N HIS G 35 17.82 22.93 -15.68
CA HIS G 35 17.94 23.77 -14.49
C HIS G 35 19.02 23.22 -13.56
N TRP G 36 19.68 24.13 -12.85
CA TRP G 36 20.67 23.77 -11.84
C TRP G 36 20.19 24.25 -10.47
N VAL G 37 20.25 23.38 -9.47
CA VAL G 37 19.71 23.67 -8.15
C VAL G 37 20.78 23.41 -7.10
N LYS G 38 20.71 24.18 -6.01
CA LYS G 38 21.64 24.08 -4.89
C LYS G 38 20.92 23.71 -3.62
N GLN G 39 21.58 22.95 -2.74
CA GLN G 39 21.03 22.58 -1.45
C GLN G 39 22.12 22.62 -0.39
N ARG G 40 21.81 23.27 0.73
CA ARG G 40 22.62 23.37 1.91
C ARG G 40 21.99 22.55 3.04
N PRO G 41 22.79 22.01 3.98
CA PRO G 41 22.19 21.14 5.00
C PRO G 41 20.97 21.70 5.71
N GLU G 42 20.92 23.01 5.97
CA GLU G 42 19.84 23.56 6.79
C GLU G 42 19.20 24.82 6.22
N GLN G 43 19.73 25.40 5.15
CA GLN G 43 19.14 26.58 4.54
C GLN G 43 18.01 26.27 3.56
N GLY G 44 17.80 25.00 3.22
CA GLY G 44 16.78 24.64 2.26
C GLY G 44 17.26 24.79 0.83
N LEU G 45 16.37 24.47 -0.10
CA LEU G 45 16.70 24.48 -1.52
C LEU G 45 16.75 25.91 -2.06
N GLU G 46 17.39 26.06 -3.21
CA GLU G 46 17.52 27.34 -3.88
C GLU G 46 17.58 27.11 -5.38
N TRP G 47 17.54 28.20 -6.14
CA TRP G 47 17.57 28.14 -7.59
C TRP G 47 18.75 28.96 -8.09
N ILE G 48 19.52 28.38 -9.02
CA ILE G 48 20.73 29.02 -9.53
C ILE G 48 20.46 29.59 -10.91
N GLY G 49 20.08 28.75 -11.86
CA GLY G 49 19.82 29.21 -13.20
C GLY G 49 19.34 28.09 -14.09
N ARG G 50 19.04 28.48 -15.34
CA ARG G 50 18.59 27.54 -16.36
C ARG G 50 19.21 27.91 -17.70
N ILE G 51 19.27 26.91 -18.58
CA ILE G 51 19.82 27.09 -19.92
C ILE G 51 18.87 26.45 -20.94
N ASP G 52 18.85 27.03 -22.14
CA ASP G 52 18.08 26.52 -23.27
C ASP G 52 19.05 26.06 -24.36
N PRO G 53 19.30 24.75 -24.49
CA PRO G 53 20.34 24.31 -25.43
C PRO G 53 20.13 24.74 -26.87
N ALA G 54 18.87 24.84 -27.32
CA ALA G 54 18.62 25.08 -28.74
C ALA G 54 19.19 26.42 -29.19
N ASN G 55 18.98 27.47 -28.41
CA ASN G 55 19.43 28.81 -28.79
C ASN G 55 20.68 29.25 -28.04
N GLY G 56 20.86 28.82 -26.80
CA GLY G 56 21.97 29.25 -25.98
C GLY G 56 21.66 30.40 -25.04
N ASN G 57 20.39 30.75 -24.87
CA ASN G 57 20.01 31.81 -23.96
C ASN G 57 19.86 31.25 -22.55
N THR G 58 20.58 31.85 -21.60
CA THR G 58 20.62 31.37 -20.23
C THR G 58 20.05 32.44 -19.30
N ILE G 59 19.54 31.99 -18.15
CA ILE G 59 18.99 32.89 -17.13
C ILE G 59 19.57 32.50 -15.78
N TYR G 60 19.95 33.51 -15.00
CA TYR G 60 20.50 33.32 -13.67
C TYR G 60 19.66 34.11 -12.65
N ALA G 61 19.67 33.64 -11.41
CA ALA G 61 18.99 34.33 -10.34
C ALA G 61 19.65 35.69 -10.09
N SER G 62 19.06 36.47 -9.18
CA SER G 62 19.57 37.79 -8.88
C SER G 62 20.72 37.77 -7.87
N LYS G 63 20.97 36.64 -7.21
CA LYS G 63 22.01 36.53 -6.21
C LYS G 63 23.26 35.83 -6.72
N PHE G 64 23.12 34.90 -7.67
CA PHE G 64 24.24 34.14 -8.21
C PHE G 64 24.82 34.77 -9.46
N GLN G 65 24.35 35.95 -9.85
CA GLN G 65 24.88 36.61 -11.03
C GLN G 65 26.34 36.95 -10.85
N GLY G 66 27.16 36.65 -11.85
CA GLY G 66 28.56 36.99 -11.85
C GLY G 66 29.50 35.96 -11.28
N LYS G 67 28.98 34.86 -10.72
CA LYS G 67 29.85 33.81 -10.19
C LYS G 67 29.32 32.42 -10.54
N ALA G 68 28.67 32.27 -11.69
CA ALA G 68 28.20 30.97 -12.14
C ALA G 68 27.92 31.06 -13.63
N THR G 69 28.59 30.23 -14.43
CA THR G 69 28.44 30.24 -15.88
C THR G 69 27.93 28.89 -16.34
N ILE G 70 26.77 28.88 -17.00
CA ILE G 70 26.13 27.65 -17.46
C ILE G 70 26.30 27.56 -18.98
N THR G 71 26.71 26.39 -19.46
CA THR G 71 26.86 26.16 -20.89
C THR G 71 26.36 24.77 -21.23
N ALA G 72 26.07 24.55 -22.51
CA ALA G 72 25.51 23.28 -22.97
C ALA G 72 26.19 22.87 -24.26
N ASP G 73 26.18 21.55 -24.50
CA ASP G 73 26.72 20.99 -25.73
C ASP G 73 25.80 19.86 -26.16
N THR G 74 25.18 20.01 -27.33
CA THR G 74 24.21 19.05 -27.83
C THR G 74 24.84 17.96 -28.69
N SER G 75 26.12 18.07 -29.03
CA SER G 75 26.78 17.01 -29.78
C SER G 75 26.86 15.72 -28.98
N SER G 76 26.82 15.81 -27.65
CA SER G 76 26.82 14.62 -26.79
C SER G 76 25.81 14.70 -25.67
N ASN G 77 24.88 15.65 -25.71
CA ASN G 77 23.84 15.78 -24.68
C ASN G 77 24.45 15.97 -23.30
N THR G 78 25.15 17.09 -23.13
CA THR G 78 25.81 17.37 -21.87
C THR G 78 25.65 18.85 -21.52
N ALA G 79 25.68 19.15 -20.22
CA ALA G 79 25.65 20.52 -19.74
C ALA G 79 26.73 20.69 -18.68
N TYR G 80 27.37 21.85 -18.67
CA TYR G 80 28.42 22.17 -17.71
C TYR G 80 28.06 23.43 -16.96
N MET G 81 28.51 23.49 -15.70
CA MET G 81 28.38 24.68 -14.87
C MET G 81 29.74 24.99 -14.26
N GLN G 82 30.23 26.20 -14.48
CA GLN G 82 31.49 26.65 -13.90
C GLN G 82 31.19 27.58 -12.73
N LEU G 83 31.79 27.25 -11.59
CA LEU G 83 31.64 28.00 -10.35
C LEU G 83 32.99 28.61 -9.98
N SER G 84 33.00 29.92 -9.75
CA SER G 84 34.26 30.65 -9.59
C SER G 84 34.22 31.50 -8.32
N SER G 85 35.42 31.81 -7.83
CA SER G 85 35.60 32.67 -6.65
C SER G 85 34.95 32.05 -5.42
N LEU G 86 35.40 30.85 -5.07
CA LEU G 86 34.88 30.16 -3.90
C LEU G 86 35.34 30.85 -2.62
N THR G 87 34.48 30.81 -1.60
CA THR G 87 34.76 31.54 -0.36
C THR G 87 34.36 30.71 0.87
N SER G 88 34.47 29.39 0.79
CA SER G 88 34.18 28.50 1.92
C SER G 88 32.74 28.59 2.38
N GLY G 89 31.86 29.16 1.56
CA GLY G 89 30.44 29.19 1.85
C GLY G 89 29.65 28.43 0.81
N ASP G 90 30.34 27.82 -0.15
CA ASP G 90 29.71 27.09 -1.23
C ASP G 90 29.70 25.58 -1.02
N THR G 91 30.18 25.10 0.13
CA THR G 91 30.15 23.66 0.40
C THR G 91 28.71 23.19 0.45
N ALA G 92 28.29 22.36 -0.50
CA ALA G 92 26.86 22.09 -0.64
C ALA G 92 26.67 20.93 -1.61
N VAL G 93 25.42 20.66 -1.97
CA VAL G 93 25.05 19.60 -2.91
C VAL G 93 24.30 20.22 -4.08
N TYR G 94 24.73 19.89 -5.29
CA TYR G 94 24.18 20.49 -6.51
C TYR G 94 23.45 19.44 -7.34
N TYR G 95 22.33 19.85 -7.94
CA TYR G 95 21.42 18.97 -8.65
C TYR G 95 21.16 19.49 -10.06
N CYS G 96 20.91 18.55 -10.97
CA CYS G 96 20.56 18.81 -12.37
C CYS G 96 19.13 18.36 -12.57
N ALA G 97 18.29 19.23 -13.14
CA ALA G 97 16.85 18.98 -13.15
C ALA G 97 16.20 19.36 -14.48
N LEU G 98 15.11 18.65 -14.78
CA LEU G 98 14.18 18.97 -15.86
C LEU G 98 12.78 19.10 -15.29
N PHE G 99 12.13 20.24 -15.56
CA PHE G 99 10.79 20.54 -15.05
C PHE G 99 9.86 20.93 -16.19
N ILE G 100 8.64 20.39 -16.17
CA ILE G 100 7.54 20.85 -17.02
C ILE G 100 6.24 20.56 -16.28
N THR G 101 5.39 21.58 -16.13
CA THR G 101 4.09 21.42 -15.51
C THR G 101 3.05 22.15 -16.35
N THR G 102 1.93 21.48 -16.62
CA THR G 102 0.88 22.03 -17.45
C THR G 102 -0.45 21.46 -16.97
N ALA G 103 -1.54 22.11 -17.38
CA ALA G 103 -2.86 21.73 -16.89
C ALA G 103 -3.21 20.28 -17.21
N THR G 104 -2.60 19.68 -18.23
CA THR G 104 -2.97 18.35 -18.67
C THR G 104 -1.84 17.32 -18.62
N TYR G 105 -0.59 17.73 -18.50
CA TYR G 105 0.51 16.79 -18.42
C TYR G 105 1.69 17.44 -17.71
N ALA G 106 2.64 16.61 -17.29
CA ALA G 106 3.81 17.10 -16.55
C ALA G 106 4.95 16.12 -16.70
N MET G 107 6.15 16.60 -16.40
CA MET G 107 7.36 15.80 -16.49
C MET G 107 8.38 16.39 -15.51
N ASP G 108 8.96 15.54 -14.68
CA ASP G 108 9.87 15.98 -13.63
C ASP G 108 10.97 14.95 -13.44
N TYR G 109 12.21 15.33 -13.73
CA TYR G 109 13.35 14.43 -13.59
C TYR G 109 14.48 15.13 -12.86
N TRP G 110 15.13 14.40 -11.96
CA TRP G 110 16.22 14.93 -11.13
C TRP G 110 17.45 14.08 -11.29
N GLY G 111 18.60 14.67 -10.96
CA GLY G 111 19.86 13.96 -10.98
C GLY G 111 20.08 13.18 -9.71
N GLN G 112 21.34 12.92 -9.40
CA GLN G 112 21.71 12.18 -8.19
C GLN G 112 22.41 13.05 -7.15
N GLY G 113 22.99 14.17 -7.54
CA GLY G 113 23.60 15.09 -6.59
C GLY G 113 25.11 15.01 -6.54
N THR G 114 25.77 16.15 -6.64
CA THR G 114 27.23 16.25 -6.54
C THR G 114 27.59 17.08 -5.33
N SER G 115 28.51 16.58 -4.51
CA SER G 115 28.91 17.23 -3.28
C SER G 115 30.19 18.03 -3.50
N VAL G 116 30.19 19.29 -3.10
CA VAL G 116 31.34 20.17 -3.24
C VAL G 116 31.78 20.63 -1.86
N THR G 117 33.08 20.50 -1.59
CA THR G 117 33.69 20.88 -0.32
C THR G 117 34.82 21.87 -0.55
N VAL G 118 34.95 22.84 0.35
CA VAL G 118 35.97 23.88 0.27
C VAL G 118 36.70 23.91 1.61
N SER G 119 37.99 23.60 1.58
CA SER G 119 38.80 23.58 2.80
C SER G 119 40.27 23.62 2.42
N SER G 120 41.11 23.92 3.41
CA SER G 120 42.55 24.03 3.21
C SER G 120 43.32 22.95 3.95
N ALA G 121 42.67 21.87 4.35
CA ALA G 121 43.33 20.78 5.06
C ALA G 121 44.07 19.89 4.06
N LYS G 122 44.54 18.74 4.52
CA LYS G 122 45.28 17.80 3.68
C LYS G 122 44.67 16.41 3.82
N THR G 123 44.71 15.66 2.72
CA THR G 123 44.15 14.31 2.70
C THR G 123 44.92 13.40 3.64
N THR G 124 44.21 12.40 4.19
CA THR G 124 44.81 11.46 5.13
C THR G 124 44.05 10.15 5.05
N ALA G 125 44.67 9.05 5.58
CA ALA G 125 44.08 7.72 5.54
C ALA G 125 43.51 7.34 6.89
N PRO G 126 42.47 6.50 6.92
CA PRO G 126 41.83 6.15 8.18
C PRO G 126 42.62 5.10 8.97
N SER G 127 42.18 4.90 10.21
CA SER G 127 42.68 3.82 11.05
C SER G 127 41.48 3.02 11.57
N VAL G 128 41.55 1.69 11.43
CA VAL G 128 40.45 0.81 11.76
C VAL G 128 40.81 -0.01 12.98
N TYR G 129 39.89 -0.09 13.94
CA TYR G 129 40.09 -0.86 15.15
C TYR G 129 38.87 -1.73 15.42
N PRO G 130 39.06 -2.95 15.94
CA PRO G 130 37.93 -3.76 16.37
C PRO G 130 37.64 -3.59 17.86
N LEU G 131 36.43 -3.98 18.25
CA LEU G 131 36.02 -3.94 19.64
C LEU G 131 35.34 -5.26 19.98
N ALA G 132 35.77 -5.89 21.07
CA ALA G 132 35.21 -7.14 21.52
C ALA G 132 34.87 -7.05 23.00
N PRO G 133 33.86 -7.81 23.46
CA PRO G 133 33.41 -7.71 24.86
C PRO G 133 34.40 -8.32 25.84
N SER G 141 21.94 -13.65 26.45
CA SER G 141 21.96 -14.53 25.27
C SER G 141 22.11 -13.72 23.99
N SER G 142 22.91 -12.65 24.06
CA SER G 142 23.19 -11.83 22.89
C SER G 142 24.57 -11.20 23.07
N VAL G 143 25.20 -10.86 21.94
CA VAL G 143 26.53 -10.26 21.95
C VAL G 143 26.56 -9.12 20.94
N THR G 144 27.19 -8.02 21.33
CA THR G 144 27.34 -6.84 20.49
C THR G 144 28.81 -6.59 20.21
N LEU G 145 29.13 -6.33 18.94
CA LEU G 145 30.50 -6.09 18.51
C LEU G 145 30.53 -4.78 17.73
N GLY G 146 31.72 -4.18 17.64
CA GLY G 146 31.86 -2.87 17.05
C GLY G 146 33.13 -2.73 16.24
N CYS G 147 33.06 -1.87 15.23
CA CYS G 147 34.21 -1.49 14.40
C CYS G 147 34.32 0.03 14.42
N LEU G 148 35.53 0.53 14.69
CA LEU G 148 35.75 1.96 14.88
C LEU G 148 36.73 2.47 13.84
N VAL G 149 36.37 3.58 13.18
CA VAL G 149 37.22 4.22 12.16
C VAL G 149 37.57 5.60 12.67
N LYS G 150 38.87 5.92 12.69
CA LYS G 150 39.36 7.12 13.33
C LYS G 150 40.41 7.80 12.48
N GLY G 151 40.37 9.13 12.45
CA GLY G 151 41.43 9.93 11.85
C GLY G 151 41.54 9.86 10.34
N TYR G 152 40.56 10.41 9.62
CA TYR G 152 40.58 10.39 8.17
C TYR G 152 40.02 11.70 7.62
N PHE G 153 40.22 11.92 6.33
CA PHE G 153 39.79 13.13 5.63
C PHE G 153 39.91 12.91 4.13
N PRO G 154 38.93 13.32 3.31
CA PRO G 154 37.66 13.98 3.64
C PRO G 154 36.53 13.02 4.02
N GLU G 155 35.29 13.48 3.99
CA GLU G 155 34.19 12.73 4.61
C GLU G 155 33.93 11.36 3.99
N PRO G 156 33.78 11.22 2.68
CA PRO G 156 33.25 9.96 2.14
C PRO G 156 34.08 8.74 2.55
N VAL G 157 33.39 7.69 2.98
CA VAL G 157 34.01 6.43 3.38
C VAL G 157 32.91 5.39 3.49
N THR G 158 33.22 4.13 3.18
CA THR G 158 32.22 3.07 3.21
C THR G 158 32.62 1.97 4.19
N LEU G 159 31.65 1.51 4.97
CA LEU G 159 31.85 0.47 5.99
C LEU G 159 30.81 -0.61 5.81
N THR G 160 31.25 -1.86 5.81
CA THR G 160 30.35 -2.99 5.65
C THR G 160 30.75 -4.12 6.59
N TRP G 161 29.80 -5.02 6.85
CA TRP G 161 30.02 -6.16 7.74
C TRP G 161 29.93 -7.45 6.95
N ASN G 162 30.96 -8.28 7.07
CA ASN G 162 30.97 -9.60 6.45
C ASN G 162 30.70 -9.51 4.94
N SER G 163 31.28 -8.49 4.31
CA SER G 163 31.21 -8.31 2.85
C SER G 163 29.78 -8.11 2.36
N GLY G 164 28.89 -7.61 3.21
CA GLY G 164 27.52 -7.34 2.81
C GLY G 164 26.55 -8.47 3.01
N SER G 165 26.98 -9.57 3.64
CA SER G 165 26.10 -10.71 3.91
C SER G 165 25.44 -10.63 5.28
N LEU G 166 25.64 -9.54 6.01
CA LEU G 166 25.05 -9.36 7.34
C LEU G 166 24.53 -7.92 7.40
N SER G 167 23.20 -7.78 7.33
CA SER G 167 22.55 -6.47 7.32
C SER G 167 21.37 -6.40 8.27
N SER G 168 21.31 -7.29 9.26
CA SER G 168 20.23 -7.32 10.23
C SER G 168 20.77 -6.94 11.60
N GLY G 169 20.11 -5.98 12.25
CA GLY G 169 20.56 -5.53 13.55
C GLY G 169 21.91 -4.87 13.54
N VAL G 170 22.15 -4.00 12.56
CA VAL G 170 23.42 -3.29 12.40
C VAL G 170 23.12 -1.80 12.38
N HIS G 171 23.87 -1.03 13.18
CA HIS G 171 23.72 0.41 13.26
C HIS G 171 25.03 1.08 12.86
N THR G 172 24.92 2.17 12.09
CA THR G 172 26.07 2.94 11.65
C THR G 172 25.79 4.40 11.93
N PHE G 173 26.55 4.99 12.85
CA PHE G 173 26.33 6.36 13.30
C PHE G 173 27.02 7.36 12.39
N PRO G 174 26.49 8.58 12.28
CA PRO G 174 27.09 9.55 11.36
C PRO G 174 28.43 10.06 11.84
N ALA G 175 29.17 10.65 10.92
CA ALA G 175 30.51 11.15 11.21
C ALA G 175 30.43 12.48 11.96
N VAL G 176 31.47 12.75 12.75
CA VAL G 176 31.59 13.99 13.51
C VAL G 176 33.00 14.52 13.35
N LEU G 177 33.14 15.83 13.22
CA LEU G 177 34.41 16.47 12.91
C LEU G 177 34.87 17.30 14.10
N GLN G 178 36.16 17.17 14.43
CA GLN G 178 36.78 18.00 15.45
C GLN G 178 38.28 18.07 15.18
N SER G 179 38.80 19.30 15.07
CA SER G 179 40.22 19.52 14.81
C SER G 179 40.62 18.94 13.44
N ASP G 180 39.77 19.14 12.43
CA ASP G 180 40.07 18.74 11.06
C ASP G 180 40.32 17.24 10.95
N LEU G 181 39.49 16.45 11.63
CA LEU G 181 39.58 14.99 11.54
C LEU G 181 38.21 14.42 11.89
N TYR G 182 37.85 13.33 11.22
CA TYR G 182 36.53 12.72 11.36
C TYR G 182 36.62 11.47 12.25
N THR G 183 35.45 10.88 12.50
CA THR G 183 35.35 9.66 13.30
C THR G 183 34.06 8.95 12.92
N LEU G 184 34.04 7.63 13.10
CA LEU G 184 32.86 6.85 12.76
C LEU G 184 32.89 5.53 13.52
N SER G 185 31.72 4.97 13.77
CA SER G 185 31.62 3.71 14.48
C SER G 185 30.43 2.91 13.95
N SER G 186 30.52 1.58 14.06
CA SER G 186 29.44 0.71 13.64
C SER G 186 29.30 -0.42 14.64
N SER G 187 28.04 -0.83 14.88
CA SER G 187 27.72 -1.84 15.88
C SER G 187 26.82 -2.92 15.28
N VAL G 188 27.05 -4.16 15.69
CA VAL G 188 26.26 -5.30 15.21
C VAL G 188 25.94 -6.20 16.39
N THR G 189 24.69 -6.68 16.46
CA THR G 189 24.22 -7.53 17.53
C THR G 189 23.83 -8.89 16.95
N VAL G 190 24.30 -9.97 17.58
CA VAL G 190 24.01 -11.33 17.14
C VAL G 190 23.67 -12.19 18.36
N THR G 191 23.11 -13.36 18.09
CA THR G 191 22.68 -14.26 19.15
C THR G 191 23.90 -14.97 19.75
N SER G 192 23.62 -15.88 20.69
CA SER G 192 24.68 -16.52 21.47
C SER G 192 25.16 -17.84 20.86
N SER G 193 24.60 -18.27 19.72
CA SER G 193 25.01 -19.51 19.08
C SER G 193 25.66 -19.29 17.73
N THR G 194 26.06 -18.06 17.42
CA THR G 194 26.73 -17.75 16.14
C THR G 194 28.05 -17.02 16.36
N TRP G 195 28.63 -17.12 17.55
CA TRP G 195 29.93 -16.52 17.83
C TRP G 195 30.48 -17.08 19.14
N PRO G 196 31.77 -17.47 19.18
CA PRO G 196 32.78 -17.42 18.13
C PRO G 196 32.72 -18.62 17.19
N SER G 197 31.56 -19.28 17.07
CA SER G 197 31.45 -20.43 16.18
C SER G 197 31.61 -20.05 14.72
N GLN G 198 31.47 -18.76 14.39
CA GLN G 198 31.62 -18.32 13.01
C GLN G 198 32.60 -17.15 12.94
N SER G 199 32.76 -16.57 11.76
CA SER G 199 33.71 -15.48 11.54
C SER G 199 32.96 -14.22 11.13
N ILE G 200 33.28 -13.10 11.79
CA ILE G 200 32.69 -11.80 11.49
C ILE G 200 33.82 -10.81 11.32
N THR G 201 33.79 -10.04 10.22
CA THR G 201 34.82 -9.06 9.93
C THR G 201 34.17 -7.78 9.41
N CYS G 202 34.81 -6.65 9.70
CA CYS G 202 34.36 -5.36 9.21
C CYS G 202 35.32 -4.87 8.14
N ASN G 203 34.76 -4.40 7.03
CA ASN G 203 35.53 -3.93 5.88
C ASN G 203 35.32 -2.44 5.70
N VAL G 204 36.42 -1.71 5.55
CA VAL G 204 36.41 -0.26 5.39
C VAL G 204 37.10 0.07 4.07
N ALA G 205 36.44 0.90 3.26
CA ALA G 205 36.98 1.34 1.98
C ALA G 205 36.95 2.85 1.91
N HIS G 206 38.11 3.45 1.64
CA HIS G 206 38.25 4.88 1.41
C HIS G 206 38.67 5.10 -0.03
N PRO G 207 37.84 5.72 -0.88
CA PRO G 207 38.19 5.82 -2.31
C PRO G 207 39.20 6.92 -2.61
N ALA G 208 39.17 8.02 -1.85
CA ALA G 208 40.04 9.15 -2.15
C ALA G 208 41.51 8.74 -2.09
N SER G 209 41.90 7.99 -1.05
CA SER G 209 43.26 7.48 -0.92
C SER G 209 43.41 6.07 -1.47
N SER G 210 42.33 5.47 -1.97
CA SER G 210 42.37 4.12 -2.53
C SER G 210 42.91 3.13 -1.50
N THR G 211 42.17 2.98 -0.39
CA THR G 211 42.55 2.06 0.67
C THR G 211 41.39 1.12 0.96
N LYS G 212 41.70 -0.16 1.08
CA LYS G 212 40.73 -1.18 1.49
C LYS G 212 41.33 -1.98 2.64
N VAL G 213 40.57 -2.11 3.72
CA VAL G 213 41.02 -2.83 4.91
C VAL G 213 39.91 -3.75 5.39
N ASP G 214 40.30 -4.90 5.93
CA ASP G 214 39.37 -5.83 6.54
C ASP G 214 39.93 -6.27 7.88
N LYS G 215 39.11 -6.22 8.92
CA LYS G 215 39.54 -6.57 10.27
C LYS G 215 38.62 -7.62 10.86
N LYS G 216 39.20 -8.60 11.55
CA LYS G 216 38.50 -9.74 12.10
C LYS G 216 38.37 -9.59 13.61
N ILE G 217 37.17 -9.82 14.12
CA ILE G 217 36.90 -9.73 15.56
C ILE G 217 37.20 -11.06 16.20
N GLU G 218 38.01 -11.04 17.26
CA GLU G 218 38.36 -12.23 18.02
C GLU G 218 38.26 -11.93 19.51
N PRO G 219 38.01 -12.95 20.34
CA PRO G 219 37.88 -12.74 21.79
C PRO G 219 39.22 -12.43 22.47
N SER H 1 10.28 39.97 -5.18
CA SER H 1 10.11 38.54 -5.40
C SER H 1 9.02 37.98 -4.50
N ILE H 2 8.40 36.89 -4.93
CA ILE H 2 7.34 36.24 -4.16
C ILE H 2 7.96 35.42 -3.04
N VAL H 3 7.43 35.57 -1.83
CA VAL H 3 7.91 34.85 -0.66
C VAL H 3 6.80 33.94 -0.17
N MET H 4 7.12 32.67 0.04
CA MET H 4 6.14 31.67 0.44
C MET H 4 6.38 31.26 1.89
N THR H 5 5.33 31.30 2.70
CA THR H 5 5.40 30.97 4.12
C THR H 5 4.64 29.68 4.37
N GLN H 6 5.31 28.70 4.96
CA GLN H 6 4.74 27.38 5.18
C GLN H 6 4.56 27.11 6.67
N THR H 7 3.41 26.53 7.02
CA THR H 7 3.11 26.17 8.40
C THR H 7 2.41 24.83 8.43
N PRO H 8 2.54 24.08 9.54
CA PRO H 8 3.39 24.31 10.70
C PRO H 8 4.83 23.85 10.45
N LYS H 9 5.79 24.29 11.26
CA LYS H 9 7.19 23.92 11.08
C LYS H 9 7.51 22.55 11.64
N PHE H 10 6.64 21.98 12.47
CA PHE H 10 6.88 20.67 13.06
C PHE H 10 5.54 19.97 13.24
N LEU H 11 5.60 18.65 13.36
CA LEU H 11 4.36 17.88 13.42
C LEU H 11 4.64 16.55 14.11
N LEU H 12 3.55 15.88 14.52
CA LEU H 12 3.65 14.61 15.23
C LEU H 12 2.30 13.93 15.16
N VAL H 13 2.26 12.70 14.66
CA VAL H 13 1.02 11.97 14.45
C VAL H 13 1.13 10.61 15.13
N SER H 14 0.01 9.87 15.10
CA SER H 14 -0.11 8.59 15.81
C SER H 14 -0.40 7.44 14.85
N ALA H 15 0.00 7.57 13.58
CA ALA H 15 -0.10 6.53 12.57
C ALA H 15 -1.53 6.22 12.17
N GLY H 16 -2.50 7.01 12.62
CA GLY H 16 -3.88 6.81 12.22
C GLY H 16 -4.65 8.09 12.03
N ASP H 17 -3.99 9.23 12.19
CA ASP H 17 -4.65 10.53 12.21
C ASP H 17 -4.63 11.16 10.83
N ARG H 18 -5.29 12.31 10.72
CA ARG H 18 -5.31 13.11 9.50
C ARG H 18 -4.36 14.29 9.66
N VAL H 19 -3.72 14.67 8.56
CA VAL H 19 -2.67 15.69 8.58
C VAL H 19 -2.98 16.77 7.55
N THR H 20 -2.73 18.02 7.92
CA THR H 20 -2.97 19.16 7.04
C THR H 20 -1.82 20.15 7.18
N ILE H 21 -1.39 20.70 6.04
CA ILE H 21 -0.31 21.68 5.98
C ILE H 21 -0.77 22.83 5.08
N THR H 22 -0.33 24.04 5.43
CA THR H 22 -0.72 25.25 4.70
C THR H 22 0.53 25.94 4.17
N CYS H 23 0.41 26.54 2.98
CA CYS H 23 1.54 27.25 2.35
C CYS H 23 0.99 28.51 1.68
N LYS H 24 1.09 29.63 2.39
CA LYS H 24 0.57 30.90 1.91
C LYS H 24 1.61 31.64 1.07
N ALA H 25 1.13 32.51 0.20
CA ALA H 25 1.97 33.29 -0.71
C ALA H 25 1.90 34.76 -0.34
N SER H 26 2.88 35.51 -0.83
CA SER H 26 2.98 36.95 -0.58
C SER H 26 2.37 37.79 -1.69
N GLN H 27 1.79 37.17 -2.71
CA GLN H 27 1.23 37.90 -3.83
C GLN H 27 0.45 36.92 -4.70
N SER H 28 -0.52 37.45 -5.44
CA SER H 28 -1.36 36.61 -6.29
C SER H 28 -0.51 35.75 -7.20
N VAL H 29 -0.60 34.44 -7.03
CA VAL H 29 0.22 33.48 -7.76
C VAL H 29 -0.63 32.58 -8.67
N SER H 30 -1.84 33.02 -8.99
CA SER H 30 -2.76 32.25 -9.85
C SER H 30 -2.88 30.85 -9.24
N ASN H 31 -2.72 29.78 -10.03
CA ASN H 31 -2.79 28.40 -9.52
C ASN H 31 -1.58 27.62 -9.98
N ASP H 32 -0.39 28.20 -9.81
CA ASP H 32 0.88 27.56 -10.12
C ASP H 32 1.57 27.19 -8.82
N VAL H 33 1.44 25.93 -8.41
CA VAL H 33 2.02 25.45 -7.16
C VAL H 33 2.32 23.97 -7.31
N ALA H 34 3.29 23.49 -6.54
CA ALA H 34 3.67 22.08 -6.58
C ALA H 34 4.05 21.63 -5.19
N TRP H 35 3.69 20.38 -4.87
CA TRP H 35 4.00 19.77 -3.59
C TRP H 35 4.88 18.54 -3.81
N TYR H 36 6.01 18.51 -3.09
CA TYR H 36 7.10 17.55 -3.24
C TYR H 36 7.19 16.65 -2.02
N GLN H 37 8.20 15.78 -2.03
CA GLN H 37 8.54 14.94 -0.88
C GLN H 37 9.99 14.54 -1.00
N GLN H 38 10.70 14.54 0.13
CA GLN H 38 12.12 14.20 0.14
C GLN H 38 12.41 13.32 1.35
N LYS H 39 12.77 12.06 1.10
CA LYS H 39 13.21 11.18 2.17
C LYS H 39 14.70 11.38 2.43
N PRO H 40 15.19 10.95 3.60
CA PRO H 40 16.60 11.18 3.92
C PRO H 40 17.53 10.53 2.89
N GLY H 41 18.58 11.27 2.53
CA GLY H 41 19.58 10.75 1.60
C GLY H 41 19.04 10.39 0.24
N GLN H 42 18.14 11.22 -0.31
CA GLN H 42 17.59 10.99 -1.63
C GLN H 42 17.16 12.33 -2.22
N SER H 43 17.00 12.34 -3.54
CA SER H 43 16.54 13.54 -4.22
C SER H 43 15.02 13.65 -4.11
N PRO H 44 14.48 14.87 -4.19
CA PRO H 44 13.01 15.03 -4.09
C PRO H 44 12.28 14.25 -5.18
N LYS H 45 10.97 14.19 -5.04
CA LYS H 45 10.11 13.54 -6.02
C LYS H 45 8.75 14.23 -6.03
N LEU H 46 8.28 14.57 -7.22
CA LEU H 46 7.03 15.30 -7.35
C LEU H 46 5.86 14.47 -6.85
N LEU H 47 4.94 15.11 -6.13
CA LEU H 47 3.70 14.48 -5.69
C LEU H 47 2.48 15.11 -6.33
N ILE H 48 2.35 16.44 -6.28
CA ILE H 48 1.18 17.12 -6.84
C ILE H 48 1.67 18.33 -7.63
N TYR H 49 1.15 18.48 -8.85
CA TYR H 49 1.49 19.63 -9.68
C TYR H 49 0.24 20.46 -9.96
N TYR H 50 0.48 21.64 -10.54
CA TYR H 50 -0.57 22.62 -10.76
C TYR H 50 -1.24 22.95 -9.43
N ALA H 51 -2.47 22.51 -9.19
CA ALA H 51 -3.06 22.66 -7.86
C ALA H 51 -3.78 21.42 -7.36
N SER H 52 -4.26 20.53 -8.24
CA SER H 52 -5.06 19.39 -7.82
C SER H 52 -4.66 18.07 -8.47
N ASN H 53 -4.01 18.08 -9.63
CA ASN H 53 -3.69 16.85 -10.32
C ASN H 53 -2.73 16.00 -9.48
N ARG H 54 -2.51 14.77 -9.95
CA ARG H 54 -1.66 13.81 -9.26
C ARG H 54 -0.69 13.17 -10.25
N TYR H 55 0.57 13.07 -9.86
CA TYR H 55 1.57 12.41 -10.69
C TYR H 55 1.33 10.90 -10.69
N THR H 56 1.85 10.23 -11.72
CA THR H 56 1.66 8.80 -11.85
C THR H 56 2.30 8.06 -10.68
N GLY H 57 1.57 7.07 -10.16
CA GLY H 57 2.05 6.26 -9.06
C GLY H 57 1.70 6.78 -7.68
N VAL H 58 1.12 7.96 -7.58
CA VAL H 58 0.75 8.52 -6.27
C VAL H 58 -0.53 7.86 -5.80
N PRO H 59 -0.58 7.31 -4.57
CA PRO H 59 -1.83 6.70 -4.10
C PRO H 59 -2.92 7.73 -3.86
N ASP H 60 -4.08 7.28 -3.37
CA ASP H 60 -5.25 8.15 -3.23
C ASP H 60 -5.26 8.91 -1.91
N ARG H 61 -4.38 8.57 -0.96
CA ARG H 61 -4.39 9.25 0.33
C ARG H 61 -4.10 10.74 0.16
N PHE H 62 -3.02 11.07 -0.53
CA PHE H 62 -2.59 12.46 -0.64
C PHE H 62 -3.61 13.28 -1.43
N THR H 63 -3.79 14.54 -1.03
CA THR H 63 -4.59 15.44 -1.84
C THR H 63 -4.23 16.87 -1.49
N GLY H 64 -4.58 17.79 -2.39
CA GLY H 64 -4.26 19.19 -2.21
C GLY H 64 -5.31 20.06 -2.87
N SER H 65 -5.36 21.31 -2.43
CA SER H 65 -6.36 22.25 -2.92
C SER H 65 -5.91 23.67 -2.62
N GLY H 66 -6.70 24.63 -3.06
CA GLY H 66 -6.44 26.03 -2.83
C GLY H 66 -6.40 26.82 -4.12
N TYR H 67 -6.32 28.14 -3.97
CA TYR H 67 -6.27 29.02 -5.13
C TYR H 67 -6.06 30.45 -4.68
N GLY H 68 -5.41 31.24 -5.54
CA GLY H 68 -5.24 32.66 -5.34
C GLY H 68 -4.07 33.01 -4.43
N THR H 69 -4.26 32.84 -3.12
CA THR H 69 -3.21 33.16 -2.17
C THR H 69 -3.13 32.15 -1.02
N ASP H 70 -3.96 31.11 -1.01
CA ASP H 70 -3.94 30.11 0.05
C ASP H 70 -4.00 28.73 -0.57
N PHE H 71 -3.10 27.85 -0.13
CA PHE H 71 -3.01 26.48 -0.63
C PHE H 71 -2.79 25.54 0.54
N THR H 72 -3.44 24.37 0.49
CA THR H 72 -3.38 23.40 1.55
C THR H 72 -3.14 22.00 0.97
N PHE H 73 -2.48 21.17 1.77
CA PHE H 73 -2.12 19.81 1.40
C PHE H 73 -2.47 18.90 2.58
N THR H 74 -3.27 17.87 2.32
CA THR H 74 -3.76 17.01 3.39
C THR H 74 -3.61 15.54 3.06
N ILE H 75 -3.31 14.76 4.11
CA ILE H 75 -3.20 13.31 4.06
C ILE H 75 -4.28 12.74 4.98
N SER H 76 -5.02 11.76 4.47
CA SER H 76 -6.15 11.21 5.22
C SER H 76 -5.70 10.29 6.34
N THR H 77 -5.02 9.20 6.01
CA THR H 77 -4.61 8.18 6.97
C THR H 77 -3.11 7.99 6.87
N VAL H 78 -2.38 8.48 7.88
CA VAL H 78 -0.93 8.34 7.88
C VAL H 78 -0.56 6.86 8.03
N GLN H 79 0.57 6.50 7.44
CA GLN H 79 1.12 5.15 7.53
C GLN H 79 2.55 5.24 8.05
N ALA H 80 3.22 4.09 8.14
CA ALA H 80 4.57 4.03 8.66
C ALA H 80 5.62 4.34 7.61
N GLU H 81 5.25 4.48 6.34
CA GLU H 81 6.18 4.74 5.26
C GLU H 81 6.11 6.19 4.77
N ASP H 82 5.62 7.11 5.61
CA ASP H 82 5.44 8.50 5.24
C ASP H 82 6.25 9.42 6.16
N LEU H 83 7.50 9.05 6.41
CA LEU H 83 8.45 9.89 7.13
C LEU H 83 9.33 10.61 6.13
N ALA H 84 9.16 11.92 6.01
CA ALA H 84 9.88 12.70 5.01
C ALA H 84 9.69 14.18 5.33
N VAL H 85 10.16 15.04 4.42
CA VAL H 85 10.04 16.49 4.55
C VAL H 85 9.33 17.00 3.30
N TYR H 86 8.35 17.88 3.50
CA TYR H 86 7.46 18.33 2.43
C TYR H 86 7.70 19.80 2.14
N PHE H 87 7.81 20.14 0.84
CA PHE H 87 8.03 21.51 0.39
C PHE H 87 6.86 21.95 -0.49
N CYS H 88 6.73 23.27 -0.65
CA CYS H 88 5.78 23.85 -1.58
C CYS H 88 6.52 24.83 -2.48
N GLN H 89 6.35 24.67 -3.80
CA GLN H 89 7.02 25.48 -4.79
C GLN H 89 6.03 26.29 -5.59
N GLN H 90 6.42 27.50 -5.97
CA GLN H 90 5.68 28.33 -6.90
C GLN H 90 6.49 28.54 -8.17
N ASP H 91 5.83 29.02 -9.23
CA ASP H 91 6.46 29.05 -10.54
C ASP H 91 6.11 30.34 -11.28
N TYR H 92 5.32 31.25 -10.68
CA TYR H 92 4.94 32.48 -11.36
C TYR H 92 6.13 33.40 -11.63
N SER H 93 7.27 33.13 -11.01
CA SER H 93 8.48 33.92 -11.20
C SER H 93 9.66 32.98 -10.91
N SER H 94 10.84 33.56 -10.70
CA SER H 94 11.98 32.76 -10.27
C SER H 94 11.57 31.81 -9.15
N LEU H 95 11.89 30.53 -9.32
CA LEU H 95 11.33 29.51 -8.46
C LEU H 95 11.73 29.72 -7.00
N THR H 96 10.80 29.42 -6.10
CA THR H 96 11.04 29.46 -4.65
C THR H 96 10.51 28.17 -4.04
N PHE H 97 11.23 27.64 -3.05
CA PHE H 97 11.00 26.29 -2.56
C PHE H 97 10.55 26.27 -1.10
N GLY H 98 9.75 27.25 -0.69
CA GLY H 98 9.16 27.18 0.63
C GLY H 98 10.21 27.12 1.73
N ALA H 99 9.87 26.42 2.81
CA ALA H 99 10.77 26.29 3.95
C ALA H 99 10.93 24.84 4.42
N GLY H 100 9.89 24.03 4.28
CA GLY H 100 9.96 22.63 4.63
C GLY H 100 9.28 22.33 5.96
N THR H 101 8.69 21.14 6.04
CA THR H 101 7.98 20.69 7.23
C THR H 101 8.37 19.24 7.52
N LYS H 102 8.67 18.93 8.77
CA LYS H 102 9.07 17.59 9.16
C LYS H 102 7.85 16.77 9.57
N LEU H 103 8.09 15.54 10.02
CA LEU H 103 7.02 14.65 10.44
C LEU H 103 7.61 13.55 11.31
N GLU H 104 6.79 13.08 12.26
CA GLU H 104 7.24 12.06 13.20
C GLU H 104 6.07 11.17 13.56
N LEU H 105 6.38 10.02 14.16
CA LEU H 105 5.39 9.02 14.56
C LEU H 105 5.41 8.84 16.07
N LYS H 106 4.57 7.94 16.56
CA LYS H 106 4.46 7.64 17.98
C LYS H 106 4.46 6.13 18.19
N ARG H 107 4.72 5.73 19.43
CA ARG H 107 4.68 4.33 19.82
C ARG H 107 4.83 4.26 21.33
N ALA H 108 4.77 3.04 21.87
CA ALA H 108 4.93 2.83 23.29
C ALA H 108 6.40 3.01 23.69
N ASP H 109 6.60 3.32 24.97
CA ASP H 109 7.94 3.59 25.47
C ASP H 109 8.77 2.31 25.51
N ALA H 110 10.09 2.49 25.63
CA ALA H 110 11.02 1.38 25.72
C ALA H 110 12.27 1.87 26.44
N ALA H 111 13.08 0.92 26.89
CA ALA H 111 14.28 1.23 27.65
C ALA H 111 15.53 1.00 26.81
N PRO H 112 16.62 1.71 27.09
CA PRO H 112 17.84 1.54 26.30
C PRO H 112 18.59 0.26 26.66
N THR H 113 19.40 -0.19 25.70
CA THR H 113 20.34 -1.28 25.91
C THR H 113 21.75 -0.70 25.88
N VAL H 114 22.53 -0.95 26.93
CA VAL H 114 23.80 -0.28 27.16
C VAL H 114 24.93 -1.28 27.02
N SER H 115 25.98 -0.90 26.30
CA SER H 115 27.19 -1.70 26.17
C SER H 115 28.41 -0.80 26.30
N ILE H 116 29.49 -1.34 26.87
CA ILE H 116 30.71 -0.61 27.10
C ILE H 116 31.88 -1.42 26.57
N PHE H 117 32.78 -0.76 25.82
CA PHE H 117 33.92 -1.41 25.20
C PHE H 117 35.20 -0.68 25.58
N PRO H 118 36.23 -1.41 26.05
CA PRO H 118 37.49 -0.77 26.42
C PRO H 118 38.44 -0.67 25.22
N PRO H 119 39.60 -0.04 25.39
CA PRO H 119 40.54 0.08 24.26
C PRO H 119 41.12 -1.27 23.87
N SER H 120 41.50 -1.37 22.60
CA SER H 120 42.10 -2.58 22.06
C SER H 120 43.62 -2.53 22.21
N SER H 121 44.29 -3.60 21.81
CA SER H 121 45.74 -3.69 21.98
C SER H 121 46.47 -2.81 20.97
N GLU H 122 46.01 -2.81 19.71
CA GLU H 122 46.70 -2.04 18.69
C GLU H 122 46.68 -0.55 19.01
N GLN H 123 45.52 -0.03 19.44
CA GLN H 123 45.45 1.38 19.79
C GLN H 123 46.36 1.71 20.96
N LEU H 124 46.40 0.84 21.97
CA LEU H 124 47.29 1.07 23.10
C LEU H 124 48.74 1.11 22.66
N THR H 125 49.12 0.21 21.74
CA THR H 125 50.47 0.28 21.17
C THR H 125 50.70 1.58 20.43
N SER H 126 49.67 2.10 19.76
CA SER H 126 49.82 3.32 18.98
C SER H 126 50.20 4.50 19.87
N GLY H 127 49.48 4.67 20.99
CA GLY H 127 49.79 5.75 21.91
C GLY H 127 48.59 6.40 22.56
N GLY H 128 47.38 6.05 22.11
CA GLY H 128 46.15 6.60 22.67
C GLY H 128 45.27 5.51 23.27
N ALA H 129 44.13 5.94 23.79
CA ALA H 129 43.16 5.03 24.35
C ALA H 129 41.76 5.60 24.16
N SER H 130 40.82 4.75 23.78
CA SER H 130 39.43 5.18 23.55
C SER H 130 38.48 4.19 24.21
N VAL H 131 37.50 4.71 24.92
CA VAL H 131 36.47 3.93 25.59
C VAL H 131 35.14 4.28 24.96
N VAL H 132 34.35 3.26 24.60
CA VAL H 132 33.14 3.45 23.80
C VAL H 132 31.92 2.98 24.60
N CYS H 133 30.82 3.72 24.47
CA CYS H 133 29.56 3.39 25.13
C CYS H 133 28.44 3.48 24.10
N PHE H 134 27.73 2.37 23.90
CA PHE H 134 26.62 2.30 22.95
C PHE H 134 25.31 2.21 23.70
N LEU H 135 24.34 3.05 23.32
CA LEU H 135 22.98 2.97 23.81
C LEU H 135 22.06 2.71 22.62
N ASN H 136 21.27 1.64 22.70
CA ASN H 136 20.51 1.18 21.55
C ASN H 136 19.03 1.03 21.88
N ASN H 137 18.19 1.41 20.91
CA ASN H 137 16.77 1.07 20.89
C ASN H 137 16.04 1.58 22.14
N PHE H 138 15.98 2.90 22.26
CA PHE H 138 15.25 3.56 23.33
C PHE H 138 14.24 4.53 22.75
N TYR H 139 13.40 5.08 23.63
CA TYR H 139 12.33 6.00 23.28
C TYR H 139 11.77 6.63 24.55
N PRO H 140 11.46 7.94 24.55
CA PRO H 140 11.57 8.93 23.47
C PRO H 140 12.98 9.47 23.25
N LYS H 141 13.10 10.57 22.51
CA LYS H 141 14.41 11.02 22.04
C LYS H 141 15.33 11.40 23.20
N ASP H 142 14.80 12.14 24.18
CA ASP H 142 15.65 12.73 25.21
C ASP H 142 16.35 11.67 26.04
N ILE H 143 17.62 11.91 26.35
CA ILE H 143 18.41 11.02 27.18
C ILE H 143 19.63 11.80 27.66
N ASN H 144 20.23 11.34 28.77
CA ASN H 144 21.45 11.94 29.28
C ASN H 144 22.49 10.86 29.54
N VAL H 145 23.76 11.17 29.25
CA VAL H 145 24.86 10.24 29.41
C VAL H 145 25.98 10.92 30.18
N LYS H 146 26.59 10.18 31.11
CA LYS H 146 27.67 10.71 31.93
C LYS H 146 28.78 9.66 32.06
N TRP H 147 30.00 10.16 32.19
CA TRP H 147 31.19 9.31 32.33
C TRP H 147 31.79 9.52 33.71
N LYS H 148 32.28 8.43 34.32
CA LYS H 148 32.95 8.54 35.61
C LYS H 148 34.19 7.66 35.62
N ILE H 149 35.27 8.19 36.18
CA ILE H 149 36.52 7.45 36.34
C ILE H 149 36.94 7.55 37.80
N ASP H 150 37.16 6.40 38.43
CA ASP H 150 37.56 6.34 39.84
C ASP H 150 36.58 7.13 40.71
N GLY H 151 35.30 7.01 40.40
CA GLY H 151 34.26 7.67 41.18
C GLY H 151 34.36 9.18 41.18
N SER H 152 34.57 9.77 40.00
CA SER H 152 34.67 11.22 39.89
C SER H 152 34.14 11.63 38.52
N GLU H 153 33.78 12.91 38.42
CA GLU H 153 33.25 13.46 37.18
C GLU H 153 34.36 13.69 36.17
N ARG H 154 33.99 13.61 34.89
CA ARG H 154 34.94 13.86 33.80
C ARG H 154 34.15 14.32 32.60
N GLN H 155 34.45 15.52 32.11
CA GLN H 155 33.70 16.13 31.00
C GLN H 155 34.63 16.80 30.01
N ASN H 156 35.73 16.14 29.66
CA ASN H 156 36.67 16.64 28.68
C ASN H 156 37.00 15.54 27.69
N GLY H 157 36.92 15.86 26.39
CA GLY H 157 37.24 14.92 25.34
C GLY H 157 36.11 14.02 24.91
N VAL H 158 34.91 14.21 25.44
CA VAL H 158 33.79 13.33 25.11
C VAL H 158 33.24 13.71 23.73
N LEU H 159 32.82 12.70 22.97
CA LEU H 159 32.17 12.90 21.69
C LEU H 159 30.89 12.09 21.64
N ASN H 160 29.79 12.72 21.23
CA ASN H 160 28.48 12.09 21.18
C ASN H 160 27.94 12.13 19.77
N SER H 161 27.19 11.09 19.40
CA SER H 161 26.57 11.03 18.08
C SER H 161 25.22 10.34 18.18
N TRP H 162 24.23 10.90 17.48
CA TRP H 162 22.87 10.41 17.48
C TRP H 162 22.49 9.84 16.12
N THR H 163 21.41 9.08 16.10
CA THR H 163 20.89 8.48 14.87
C THR H 163 19.46 8.95 14.63
N ASP H 164 19.03 8.83 13.38
CA ASP H 164 17.68 9.23 13.00
C ASP H 164 16.68 8.15 13.36
N GLN H 165 15.40 8.52 13.33
CA GLN H 165 14.35 7.58 13.68
C GLN H 165 14.32 6.42 12.69
N ASP H 166 14.29 5.20 13.22
CA ASP H 166 14.31 4.02 12.38
C ASP H 166 13.02 3.91 11.57
N SER H 167 13.12 3.28 10.41
CA SER H 167 11.98 3.08 9.53
C SER H 167 11.29 1.74 9.74
N LYS H 168 11.81 0.90 10.64
CA LYS H 168 11.23 -0.41 10.91
C LYS H 168 10.43 -0.45 12.21
N ASP H 169 10.93 0.18 13.27
CA ASP H 169 10.22 0.20 14.54
C ASP H 169 10.20 1.56 15.21
N SER H 170 10.80 2.59 14.61
CA SER H 170 10.75 3.96 15.13
C SER H 170 11.41 4.04 16.51
N THR H 171 12.70 3.71 16.55
CA THR H 171 13.50 3.79 17.76
C THR H 171 14.83 4.45 17.45
N TYR H 172 15.39 5.13 18.45
CA TYR H 172 16.59 5.92 18.28
C TYR H 172 17.82 5.11 18.70
N SER H 173 18.98 5.78 18.76
CA SER H 173 20.22 5.17 19.22
C SER H 173 21.21 6.29 19.53
N MET H 174 22.34 5.92 20.12
CA MET H 174 23.33 6.93 20.49
C MET H 174 24.65 6.25 20.78
N SER H 175 25.74 6.98 20.50
CA SER H 175 27.09 6.51 20.76
C SER H 175 27.89 7.61 21.46
N SER H 176 28.71 7.21 22.42
CA SER H 176 29.57 8.12 23.16
C SER H 176 30.98 7.57 23.20
N THR H 177 31.96 8.47 23.14
CA THR H 177 33.36 8.08 23.10
C THR H 177 34.17 8.99 24.00
N LEU H 178 35.12 8.40 24.74
CA LEU H 178 36.04 9.15 25.58
C LEU H 178 37.47 8.79 25.21
N THR H 179 38.32 9.80 25.01
CA THR H 179 39.67 9.61 24.53
C THR H 179 40.68 10.11 25.56
N LEU H 180 41.76 9.36 25.73
CA LEU H 180 42.80 9.70 26.69
C LEU H 180 44.14 9.25 26.13
N THR H 181 45.21 9.68 26.78
CA THR H 181 46.55 9.21 26.46
C THR H 181 46.84 7.92 27.22
N LYS H 182 47.81 7.15 26.71
CA LYS H 182 48.13 5.86 27.31
C LYS H 182 48.61 6.02 28.73
N ASP H 183 49.50 6.98 28.98
CA ASP H 183 50.03 7.17 30.32
C ASP H 183 48.93 7.57 31.30
N GLU H 184 48.05 8.49 30.88
CA GLU H 184 46.93 8.87 31.74
C GLU H 184 45.95 7.72 31.92
N TYR H 185 45.68 6.96 30.85
CA TYR H 185 44.72 5.86 30.94
C TYR H 185 45.20 4.80 31.92
N GLU H 186 46.50 4.47 31.89
CA GLU H 186 47.03 3.40 32.72
C GLU H 186 47.16 3.78 34.18
N ARG H 187 46.83 5.01 34.56
CA ARG H 187 46.97 5.46 35.94
C ARG H 187 45.71 5.24 36.78
N HIS H 188 44.55 5.11 36.15
CA HIS H 188 43.30 4.85 36.84
C HIS H 188 42.96 3.37 36.78
N ASN H 189 41.85 2.98 37.40
CA ASN H 189 41.52 1.57 37.56
C ASN H 189 40.12 1.20 37.07
N SER H 190 39.11 2.05 37.27
CA SER H 190 37.73 1.69 36.99
C SER H 190 37.06 2.78 36.17
N TYR H 191 36.12 2.38 35.32
CA TYR H 191 35.38 3.32 34.49
C TYR H 191 33.91 2.94 34.49
N THR H 192 33.03 3.95 34.38
CA THR H 192 31.60 3.72 34.40
C THR H 192 30.89 4.66 33.43
N CYS H 193 29.86 4.14 32.77
CA CYS H 193 29.01 4.87 31.84
C CYS H 193 27.60 4.84 32.39
N GLU H 194 27.00 6.02 32.61
CA GLU H 194 25.69 6.14 33.23
C GLU H 194 24.72 6.81 32.27
N ALA H 195 23.49 6.29 32.23
CA ALA H 195 22.45 6.81 31.36
C ALA H 195 21.21 7.10 32.17
N THR H 196 20.63 8.29 31.95
CA THR H 196 19.39 8.71 32.59
C THR H 196 18.32 8.92 31.53
N HIS H 197 17.15 8.32 31.75
CA HIS H 197 16.06 8.33 30.78
C HIS H 197 14.75 8.47 31.53
N LYS H 198 13.66 8.68 30.79
CA LYS H 198 12.36 8.94 31.38
C LYS H 198 11.76 7.68 32.01
N THR H 199 12.09 6.49 31.49
CA THR H 199 11.42 5.25 31.88
C THR H 199 12.11 4.54 33.02
N SER H 200 12.75 5.27 33.94
CA SER H 200 13.38 4.65 35.09
C SER H 200 13.72 5.71 36.14
N THR H 201 13.33 5.46 37.39
CA THR H 201 13.58 6.43 38.45
C THR H 201 15.04 6.48 38.88
N SER H 202 15.86 5.54 38.45
CA SER H 202 17.27 5.49 38.81
C SER H 202 18.12 5.33 37.56
N PRO H 203 19.35 5.84 37.56
CA PRO H 203 20.19 5.73 36.37
C PRO H 203 20.58 4.28 36.08
N ILE H 204 20.83 4.02 34.81
CA ILE H 204 21.34 2.73 34.36
C ILE H 204 22.86 2.86 34.21
N VAL H 205 23.60 2.07 34.98
CA VAL H 205 25.05 2.20 35.08
C VAL H 205 25.70 0.92 34.60
N LYS H 206 26.71 1.05 33.73
CA LYS H 206 27.51 -0.08 33.27
C LYS H 206 28.97 0.26 33.50
N SER H 207 29.67 -0.62 34.21
CA SER H 207 31.03 -0.33 34.67
C SER H 207 31.98 -1.45 34.29
N PHE H 208 33.27 -1.12 34.25
CA PHE H 208 34.30 -2.13 34.01
C PHE H 208 35.57 -1.71 34.73
N ASN H 209 36.44 -2.70 34.95
CA ASN H 209 37.67 -2.53 35.72
C ASN H 209 38.86 -2.93 34.86
N ARG H 210 39.96 -2.17 35.00
CA ARG H 210 41.11 -2.36 34.12
C ARG H 210 41.91 -3.60 34.50
N ASN H 211 42.04 -3.90 35.80
CA ASN H 211 42.94 -4.96 36.23
C ASN H 211 42.49 -6.32 35.73
N GLU H 212 41.18 -6.56 35.71
CA GLU H 212 40.65 -7.85 35.27
C GLU H 212 39.70 -7.68 34.08
#